data_2MOZ
#
_entry.id   2MOZ
#
_entity_poly.entity_id   1
_entity_poly.type   'polypeptide(L)'
_entity_poly.pdbx_seq_one_letter_code
;MKDPKTLLRVSIIGTTLVALSSFTPVLVILLGVVGLSALTGYLDYVLLPALAIFIGLTIYAIQRKRQADASSTPKFNGVK
K
;
_entity_poly.pdbx_strand_id   A
#
# COMPACT_ATOMS: atom_id res chain seq x y z
N MET A 1 -17.24 -16.86 -25.19
CA MET A 1 -18.63 -16.44 -25.53
C MET A 1 -19.24 -15.70 -24.35
N LYS A 2 -18.68 -15.92 -23.17
CA LYS A 2 -19.19 -15.26 -21.97
C LYS A 2 -19.02 -13.75 -22.08
N ASP A 3 -17.90 -13.32 -22.67
CA ASP A 3 -17.63 -11.90 -22.85
C ASP A 3 -17.75 -11.14 -21.52
N PRO A 4 -16.97 -11.52 -20.54
CA PRO A 4 -16.97 -10.87 -19.20
C PRO A 4 -16.25 -9.52 -19.24
N LYS A 5 -16.81 -8.57 -19.96
CA LYS A 5 -16.25 -7.22 -20.09
C LYS A 5 -16.51 -6.34 -18.85
N THR A 6 -17.78 -6.34 -18.45
CA THR A 6 -18.25 -5.62 -17.26
C THR A 6 -17.94 -6.44 -16.00
N LEU A 7 -17.91 -7.74 -16.22
CA LEU A 7 -17.60 -8.68 -15.15
C LEU A 7 -16.15 -8.44 -14.65
N LEU A 8 -15.24 -8.26 -15.60
CA LEU A 8 -13.82 -7.96 -15.35
C LEU A 8 -13.58 -6.48 -14.96
N ARG A 9 -14.55 -5.68 -15.35
CA ARG A 9 -14.54 -4.24 -15.10
C ARG A 9 -14.65 -3.91 -13.60
N VAL A 10 -15.39 -4.73 -12.88
CA VAL A 10 -15.57 -4.53 -11.44
C VAL A 10 -14.27 -4.71 -10.67
N SER A 11 -13.36 -5.56 -11.11
CA SER A 11 -12.10 -5.71 -10.39
C SER A 11 -11.30 -4.42 -10.44
N ILE A 12 -11.07 -3.87 -11.63
CA ILE A 12 -10.28 -2.64 -11.74
C ILE A 12 -10.86 -1.53 -10.84
N ILE A 13 -12.15 -1.41 -10.97
CA ILE A 13 -12.91 -0.42 -10.18
C ILE A 13 -12.75 -0.65 -8.65
N GLY A 14 -12.84 -1.91 -8.21
CA GLY A 14 -12.63 -2.25 -6.77
C GLY A 14 -11.12 -2.49 -6.44
N THR A 15 -10.43 -2.93 -7.47
CA THR A 15 -8.98 -3.25 -7.40
C THR A 15 -8.11 -2.00 -7.39
N THR A 16 -8.59 -0.91 -7.97
CA THR A 16 -7.85 0.36 -8.00
C THR A 16 -7.93 1.07 -6.66
N LEU A 17 -9.03 0.84 -5.94
CA LEU A 17 -9.30 1.46 -4.64
C LEU A 17 -8.44 0.95 -3.49
N VAL A 18 -7.93 -0.28 -3.54
CA VAL A 18 -7.16 -0.75 -2.39
C VAL A 18 -5.97 0.17 -2.15
N ALA A 19 -5.19 0.34 -3.21
CA ALA A 19 -3.97 1.15 -3.19
C ALA A 19 -4.25 2.60 -2.79
N LEU A 20 -5.41 3.10 -3.14
CA LEU A 20 -5.76 4.47 -2.78
C LEU A 20 -5.95 4.58 -1.26
N SER A 21 -6.65 3.62 -0.67
CA SER A 21 -6.89 3.65 0.77
C SER A 21 -5.67 3.15 1.56
N SER A 22 -4.87 2.31 0.89
CA SER A 22 -3.69 1.71 1.53
C SER A 22 -2.44 2.60 1.46
N PHE A 23 -2.45 3.62 0.60
CA PHE A 23 -1.28 4.52 0.54
C PHE A 23 -1.33 5.60 1.65
N THR A 24 -2.48 6.24 1.93
CA THR A 24 -2.53 7.32 2.93
C THR A 24 -2.32 6.89 4.40
N PRO A 25 -2.83 5.75 4.80
CA PRO A 25 -2.77 5.26 6.21
C PRO A 25 -1.39 5.33 6.87
N VAL A 26 -0.31 5.34 6.10
CA VAL A 26 1.00 5.40 6.71
C VAL A 26 1.17 6.70 7.50
N LEU A 27 0.79 7.82 6.90
CA LEU A 27 0.93 9.14 7.52
C LEU A 27 0.39 9.19 8.95
N VAL A 28 -0.60 8.34 9.23
CA VAL A 28 -1.22 8.30 10.56
C VAL A 28 -0.31 7.69 11.61
N ILE A 29 0.49 6.73 11.19
CA ILE A 29 1.41 6.04 12.09
C ILE A 29 2.42 7.01 12.69
N LEU A 30 2.95 7.94 11.91
CA LEU A 30 3.94 8.87 12.44
C LEU A 30 3.37 9.66 13.62
N LEU A 31 2.21 10.27 13.48
CA LEU A 31 1.66 11.07 14.58
C LEU A 31 1.50 10.24 15.84
N GLY A 32 1.02 9.01 15.63
CA GLY A 32 0.83 8.07 16.74
C GLY A 32 2.18 7.77 17.39
N VAL A 33 3.17 7.54 16.55
CA VAL A 33 4.52 7.28 17.06
C VAL A 33 4.89 8.48 17.95
N VAL A 34 4.71 9.68 17.41
CA VAL A 34 5.03 10.89 18.15
C VAL A 34 4.20 10.95 19.44
N GLY A 35 2.93 10.60 19.27
CA GLY A 35 1.99 10.59 20.40
C GLY A 35 2.52 9.65 21.48
N LEU A 36 2.93 8.47 21.05
CA LEU A 36 3.49 7.45 21.95
C LEU A 36 4.85 7.90 22.49
N SER A 37 5.54 8.69 21.71
CA SER A 37 6.85 9.21 22.15
C SER A 37 6.65 10.01 23.43
N ALA A 38 5.48 10.59 23.60
CA ALA A 38 5.23 11.38 24.79
C ALA A 38 5.52 10.54 26.05
N LEU A 39 5.31 9.25 25.89
CA LEU A 39 5.55 8.28 26.98
C LEU A 39 7.06 7.95 27.14
N THR A 40 7.69 7.61 26.02
CA THR A 40 9.12 7.21 26.00
C THR A 40 10.07 8.32 25.53
N GLY A 41 9.47 9.39 25.05
CA GLY A 41 10.20 10.58 24.61
C GLY A 41 11.30 10.24 23.60
N TYR A 42 11.01 9.31 22.70
CA TYR A 42 11.98 8.91 21.67
C TYR A 42 11.63 9.52 20.32
N LEU A 43 10.75 10.53 20.32
CA LEU A 43 10.32 11.13 19.06
C LEU A 43 11.53 11.64 18.26
N ASP A 44 12.66 11.73 18.94
CA ASP A 44 13.89 12.20 18.30
C ASP A 44 14.26 11.25 17.16
N TYR A 45 14.10 9.95 17.37
CA TYR A 45 14.45 8.98 16.33
C TYR A 45 13.67 9.22 15.04
N VAL A 46 12.37 9.53 15.16
CA VAL A 46 11.48 9.76 13.98
C VAL A 46 12.22 9.84 12.64
N LEU A 47 13.26 10.65 12.57
CA LEU A 47 14.00 10.79 11.31
C LEU A 47 14.42 9.40 10.79
N LEU A 48 15.00 8.61 11.70
CA LEU A 48 15.47 7.27 11.34
C LEU A 48 14.31 6.35 10.88
N PRO A 49 13.32 6.04 11.69
CA PRO A 49 12.17 5.18 11.23
C PRO A 49 11.58 5.66 9.91
N ALA A 50 11.72 6.96 9.63
CA ALA A 50 11.24 7.53 8.38
C ALA A 50 12.11 7.07 7.21
N LEU A 51 13.39 6.83 7.46
CA LEU A 51 14.27 6.35 6.41
C LEU A 51 13.79 4.98 5.93
N ALA A 52 13.35 4.19 6.91
CA ALA A 52 12.83 2.86 6.62
C ALA A 52 11.62 2.98 5.70
N ILE A 53 10.74 3.94 5.98
CA ILE A 53 9.56 4.16 5.15
C ILE A 53 9.96 4.55 3.73
N PHE A 54 10.83 5.55 3.57
CA PHE A 54 11.23 5.95 2.22
C PHE A 54 11.89 4.78 1.49
N ILE A 55 12.70 4.01 2.21
CA ILE A 55 13.36 2.85 1.62
C ILE A 55 12.32 1.80 1.25
N GLY A 56 11.36 1.62 2.16
CA GLY A 56 10.28 0.65 1.97
C GLY A 56 9.32 1.06 0.85
N LEU A 57 8.92 2.34 0.84
CA LEU A 57 7.98 2.81 -0.17
C LEU A 57 8.63 2.90 -1.55
N THR A 58 9.75 3.60 -1.65
CA THR A 58 10.40 3.77 -2.95
C THR A 58 10.57 2.43 -3.63
N ILE A 59 10.90 1.42 -2.83
CA ILE A 59 11.06 0.06 -3.34
C ILE A 59 9.71 -0.45 -3.84
N TYR A 60 8.67 -0.20 -3.05
CA TYR A 60 7.32 -0.67 -3.38
C TYR A 60 6.81 -0.18 -4.73
N ALA A 61 7.11 1.06 -5.13
CA ALA A 61 6.59 1.52 -6.42
C ALA A 61 7.11 0.58 -7.50
N ILE A 62 8.43 0.41 -7.45
CA ILE A 62 9.15 -0.40 -8.43
C ILE A 62 8.51 -1.78 -8.59
N GLN A 63 8.03 -2.36 -7.51
CA GLN A 63 7.39 -3.68 -7.61
C GLN A 63 6.08 -3.55 -8.40
N ARG A 64 5.42 -2.41 -8.22
CA ARG A 64 4.18 -2.07 -8.89
C ARG A 64 4.44 -1.57 -10.32
N LYS A 65 5.67 -1.12 -10.55
CA LYS A 65 6.11 -0.56 -11.82
C LYS A 65 6.33 -1.62 -12.91
N ARG A 66 6.78 -2.77 -12.42
CA ARG A 66 7.00 -3.95 -13.25
C ARG A 66 5.67 -4.69 -13.46
N GLN A 67 4.87 -4.65 -12.41
CA GLN A 67 3.51 -5.21 -12.39
C GLN A 67 2.51 -4.19 -12.92
N ALA A 68 2.98 -2.95 -13.02
CA ALA A 68 2.11 -1.84 -13.40
C ALA A 68 1.21 -2.30 -14.56
N ASP A 69 1.79 -3.06 -15.50
CA ASP A 69 1.00 -3.64 -16.58
C ASP A 69 -0.07 -4.54 -15.98
N ALA A 70 0.37 -5.43 -15.09
CA ALA A 70 -0.54 -6.36 -14.43
C ALA A 70 -1.59 -5.62 -13.61
N SER A 71 -1.16 -4.55 -12.95
CA SER A 71 -2.08 -3.76 -12.14
C SER A 71 -2.69 -4.61 -11.03
N SER A 72 -3.70 -5.40 -11.38
CA SER A 72 -4.37 -6.26 -10.41
C SER A 72 -3.47 -7.41 -10.00
N THR A 73 -3.80 -8.03 -8.87
CA THR A 73 -3.03 -9.16 -8.37
C THR A 73 -3.06 -10.32 -9.38
N PRO A 74 -1.96 -11.02 -9.60
CA PRO A 74 -1.95 -12.17 -10.57
C PRO A 74 -3.11 -13.12 -10.32
N LYS A 75 -3.70 -13.62 -11.41
CA LYS A 75 -4.83 -14.53 -11.31
C LYS A 75 -4.41 -15.81 -10.60
N PHE A 76 -3.20 -16.29 -10.89
CA PHE A 76 -2.69 -17.50 -10.27
C PHE A 76 -2.56 -17.32 -8.77
N ASN A 77 -2.11 -16.13 -8.36
CA ASN A 77 -1.93 -15.83 -6.95
C ASN A 77 -3.23 -15.32 -6.34
N GLY A 78 -3.85 -16.14 -5.49
CA GLY A 78 -5.11 -15.75 -4.85
C GLY A 78 -5.39 -16.63 -3.64
N VAL A 79 -6.41 -16.26 -2.87
CA VAL A 79 -6.79 -17.02 -1.67
C VAL A 79 -8.29 -17.27 -1.64
N LYS A 80 -8.70 -18.28 -0.89
CA LYS A 80 -10.12 -18.62 -0.78
C LYS A 80 -10.90 -17.46 -0.18
N LYS A 81 -10.31 -16.79 0.82
CA LYS A 81 -10.96 -15.67 1.47
C LYS A 81 -9.93 -14.60 1.84
N MET A 1 -26.22 -15.47 -19.95
CA MET A 1 -25.99 -14.03 -20.28
C MET A 1 -24.58 -13.63 -19.87
N LYS A 2 -23.59 -14.14 -20.60
CA LYS A 2 -22.20 -13.82 -20.29
C LYS A 2 -21.84 -12.43 -20.81
N ASP A 3 -21.13 -11.65 -19.98
CA ASP A 3 -20.72 -10.30 -20.36
C ASP A 3 -19.24 -10.07 -20.03
N PRO A 4 -18.36 -10.66 -20.79
CA PRO A 4 -16.87 -10.54 -20.58
C PRO A 4 -16.40 -9.08 -20.53
N LYS A 5 -17.17 -8.18 -21.14
CA LYS A 5 -16.82 -6.76 -21.15
C LYS A 5 -17.15 -6.06 -19.83
N THR A 6 -18.39 -6.28 -19.39
CA THR A 6 -18.90 -5.74 -18.11
C THR A 6 -18.45 -6.59 -16.92
N LEU A 7 -18.31 -7.88 -17.21
CA LEU A 7 -17.87 -8.85 -16.20
C LEU A 7 -16.43 -8.57 -15.74
N LEU A 8 -15.52 -8.39 -16.71
CA LEU A 8 -14.10 -8.09 -16.49
C LEU A 8 -13.82 -6.64 -16.11
N ARG A 9 -14.76 -5.79 -16.50
CA ARG A 9 -14.68 -4.35 -16.23
C ARG A 9 -14.83 -4.04 -14.73
N VAL A 10 -15.58 -4.88 -14.01
CA VAL A 10 -15.77 -4.69 -12.57
C VAL A 10 -14.50 -4.90 -11.77
N SER A 11 -13.67 -5.88 -12.11
CA SER A 11 -12.44 -6.06 -11.34
C SER A 11 -11.53 -4.85 -11.47
N ILE A 12 -11.23 -4.40 -12.66
CA ILE A 12 -10.31 -3.26 -12.83
C ILE A 12 -10.84 -2.05 -12.04
N ILE A 13 -12.11 -1.83 -12.23
CA ILE A 13 -12.83 -0.74 -11.56
C ILE A 13 -12.74 -0.88 -10.01
N GLY A 14 -12.90 -2.10 -9.52
CA GLY A 14 -12.75 -2.36 -8.06
C GLY A 14 -11.25 -2.56 -7.69
N THR A 15 -10.66 -3.43 -8.48
CA THR A 15 -9.25 -3.87 -8.34
C THR A 15 -8.27 -2.71 -8.41
N THR A 16 -8.62 -1.63 -9.09
CA THR A 16 -7.73 -0.46 -9.19
C THR A 16 -7.77 0.38 -7.91
N LEU A 17 -8.93 0.37 -7.25
CA LEU A 17 -9.17 1.15 -6.04
C LEU A 17 -8.49 0.64 -4.77
N VAL A 18 -8.17 -0.65 -4.65
CA VAL A 18 -7.58 -1.09 -3.40
C VAL A 18 -6.27 -0.33 -3.17
N ALA A 19 -5.42 -0.37 -4.20
CA ALA A 19 -4.11 0.27 -4.16
C ALA A 19 -4.20 1.77 -3.90
N LEU A 20 -5.27 2.39 -4.37
CA LEU A 20 -5.45 3.82 -4.15
C LEU A 20 -5.69 4.12 -2.67
N SER A 21 -6.57 3.36 -2.03
CA SER A 21 -6.87 3.56 -0.61
C SER A 21 -5.78 2.99 0.29
N SER A 22 -5.08 1.99 -0.22
CA SER A 22 -4.04 1.31 0.55
C SER A 22 -2.79 2.19 0.71
N PHE A 23 -2.74 3.24 -0.11
CA PHE A 23 -1.60 4.17 -0.05
C PHE A 23 -1.73 5.21 1.10
N THR A 24 -2.91 5.78 1.38
CA THR A 24 -3.00 6.80 2.44
C THR A 24 -2.72 6.29 3.88
N PRO A 25 -3.17 5.11 4.23
CA PRO A 25 -2.99 4.53 5.61
C PRO A 25 -1.59 4.67 6.20
N VAL A 26 -0.56 4.85 5.38
CA VAL A 26 0.77 5.01 5.94
C VAL A 26 0.81 6.27 6.81
N LEU A 27 0.25 7.36 6.30
CA LEU A 27 0.25 8.64 7.00
C LEU A 27 -0.20 8.51 8.47
N VAL A 28 -1.02 7.51 8.73
CA VAL A 28 -1.55 7.27 10.08
C VAL A 28 -0.49 6.74 11.04
N ILE A 29 0.46 5.97 10.52
CA ILE A 29 1.53 5.41 11.34
C ILE A 29 2.35 6.50 12.01
N LEU A 30 2.53 7.65 11.35
CA LEU A 30 3.31 8.72 11.97
C LEU A 30 2.68 9.15 13.29
N LEU A 31 1.38 9.44 13.31
CA LEU A 31 0.76 9.89 14.54
C LEU A 31 1.01 8.86 15.64
N GLY A 32 0.90 7.59 15.25
CA GLY A 32 1.14 6.49 16.17
C GLY A 32 2.59 6.51 16.65
N VAL A 33 3.50 6.74 15.72
CA VAL A 33 4.92 6.85 16.07
C VAL A 33 5.01 7.95 17.13
N VAL A 34 4.41 9.10 16.84
CA VAL A 34 4.45 10.22 17.78
C VAL A 34 3.82 9.79 19.10
N GLY A 35 2.72 9.08 18.95
CA GLY A 35 1.99 8.57 20.11
C GLY A 35 2.91 7.68 20.94
N LEU A 36 3.61 6.80 20.23
CA LEU A 36 4.57 5.87 20.86
C LEU A 36 5.80 6.63 21.35
N SER A 37 6.12 7.71 20.63
CA SER A 37 7.25 8.55 21.02
C SER A 37 6.96 9.13 22.40
N ALA A 38 5.73 9.51 22.61
CA ALA A 38 5.33 10.06 23.92
C ALA A 38 5.60 9.04 25.03
N LEU A 39 5.39 7.77 24.74
CA LEU A 39 5.66 6.73 25.74
C LEU A 39 7.17 6.47 25.91
N THR A 40 7.85 6.22 24.80
CA THR A 40 9.30 5.92 24.81
C THR A 40 10.16 7.16 24.54
N GLY A 41 9.49 8.29 24.41
CA GLY A 41 10.20 9.57 24.26
C GLY A 41 11.16 9.63 23.08
N TYR A 42 10.66 9.63 21.85
CA TYR A 42 11.50 9.69 20.67
C TYR A 42 11.33 11.06 20.00
N LEU A 43 10.84 12.03 20.77
CA LEU A 43 10.60 13.38 20.28
C LEU A 43 11.77 13.93 19.47
N ASP A 44 12.92 13.99 20.12
CA ASP A 44 14.14 14.46 19.48
C ASP A 44 14.54 13.52 18.35
N TYR A 45 14.42 12.23 18.60
CA TYR A 45 14.81 11.24 17.59
C TYR A 45 14.02 11.43 16.29
N VAL A 46 12.69 11.67 16.40
CA VAL A 46 11.80 11.84 15.23
C VAL A 46 12.53 12.00 13.89
N LEU A 47 13.52 12.87 13.84
CA LEU A 47 14.24 13.10 12.58
C LEU A 47 14.79 11.78 12.00
N LEU A 48 15.46 11.00 12.85
CA LEU A 48 16.07 9.74 12.41
C LEU A 48 15.03 8.72 11.87
N PRO A 49 14.03 8.32 12.63
CA PRO A 49 12.99 7.37 12.11
C PRO A 49 12.44 7.77 10.75
N ALA A 50 12.53 9.06 10.43
CA ALA A 50 12.08 9.59 9.14
C ALA A 50 12.98 9.07 8.01
N LEU A 51 14.24 8.81 8.32
CA LEU A 51 15.16 8.30 7.30
C LEU A 51 14.70 6.90 6.86
N ALA A 52 14.27 6.12 7.83
CA ALA A 52 13.78 4.77 7.55
C ALA A 52 12.58 4.84 6.63
N ILE A 53 11.66 5.77 6.91
CA ILE A 53 10.48 5.93 6.07
C ILE A 53 10.87 6.34 4.65
N PHE A 54 11.68 7.38 4.49
CA PHE A 54 12.08 7.81 3.16
C PHE A 54 12.79 6.68 2.42
N ILE A 55 13.64 5.94 3.13
CA ILE A 55 14.33 4.81 2.52
C ILE A 55 13.31 3.74 2.13
N GLY A 56 12.35 3.54 3.01
CA GLY A 56 11.27 2.57 2.79
C GLY A 56 10.40 2.97 1.60
N LEU A 57 10.12 4.27 1.49
CA LEU A 57 9.28 4.80 0.42
C LEU A 57 9.96 4.67 -0.95
N THR A 58 11.28 4.69 -0.96
CA THR A 58 12.02 4.55 -2.22
C THR A 58 11.92 3.10 -2.72
N ILE A 59 11.97 2.17 -1.76
CA ILE A 59 11.86 0.76 -2.08
C ILE A 59 10.47 0.43 -2.62
N TYR A 60 9.43 0.96 -1.99
CA TYR A 60 8.06 0.68 -2.43
C TYR A 60 7.82 1.06 -3.88
N ALA A 61 8.39 2.17 -4.35
CA ALA A 61 8.22 2.59 -5.73
C ALA A 61 9.02 1.70 -6.69
N ILE A 62 10.11 1.10 -6.24
CA ILE A 62 10.91 0.24 -7.11
C ILE A 62 10.23 -1.11 -7.38
N GLN A 63 9.68 -1.69 -6.31
CA GLN A 63 9.02 -2.98 -6.44
C GLN A 63 7.79 -2.87 -7.35
N ARG A 64 7.08 -1.75 -7.29
CA ARG A 64 5.95 -1.57 -8.20
C ARG A 64 6.49 -1.58 -9.62
N LYS A 65 7.48 -0.74 -9.88
CA LYS A 65 8.03 -0.62 -11.24
C LYS A 65 8.47 -1.97 -11.87
N ARG A 66 8.81 -2.96 -11.07
CA ARG A 66 9.15 -4.29 -11.65
C ARG A 66 7.88 -5.15 -11.93
N GLN A 67 7.03 -5.22 -10.91
CA GLN A 67 5.72 -5.92 -10.95
C GLN A 67 4.62 -5.00 -11.53
N ALA A 68 4.98 -3.74 -11.66
CA ALA A 68 4.03 -2.70 -12.07
C ALA A 68 3.15 -3.25 -13.20
N ASP A 69 3.76 -4.00 -14.11
CA ASP A 69 3.01 -4.64 -15.18
C ASP A 69 1.98 -5.58 -14.55
N ALA A 70 2.47 -6.44 -13.66
CA ALA A 70 1.61 -7.41 -12.98
C ALA A 70 0.54 -6.70 -12.16
N SER A 71 0.92 -5.61 -11.51
CA SER A 71 -0.01 -4.85 -10.69
C SER A 71 -0.63 -5.74 -9.60
N SER A 72 -1.93 -5.94 -9.67
CA SER A 72 -2.63 -6.76 -8.69
C SER A 72 -2.18 -8.22 -8.78
N THR A 73 -2.17 -8.90 -7.64
CA THR A 73 -1.78 -10.30 -7.59
C THR A 73 -2.84 -11.18 -8.27
N PRO A 74 -2.45 -12.32 -8.83
CA PRO A 74 -3.42 -13.23 -9.51
C PRO A 74 -4.28 -14.02 -8.52
N LYS A 75 -5.15 -13.33 -7.79
CA LYS A 75 -6.02 -13.98 -6.82
C LYS A 75 -7.07 -14.81 -7.54
N PHE A 76 -7.32 -14.48 -8.80
CA PHE A 76 -8.31 -15.20 -9.59
C PHE A 76 -7.93 -16.66 -9.74
N ASN A 77 -6.63 -16.91 -9.93
CA ASN A 77 -6.15 -18.28 -10.09
C ASN A 77 -6.43 -19.09 -8.83
N GLY A 78 -7.01 -20.27 -9.01
CA GLY A 78 -7.33 -21.14 -7.87
C GLY A 78 -8.63 -20.69 -7.21
N VAL A 79 -8.88 -21.17 -6.00
CA VAL A 79 -10.08 -20.82 -5.26
C VAL A 79 -9.74 -19.98 -4.03
N LYS A 80 -10.35 -18.81 -3.92
CA LYS A 80 -10.10 -17.92 -2.80
C LYS A 80 -10.51 -18.60 -1.50
N LYS A 81 -11.66 -19.26 -1.52
CA LYS A 81 -12.17 -19.95 -0.34
C LYS A 81 -11.20 -21.04 0.09
N MET A 1 -25.57 -8.34 -15.15
CA MET A 1 -24.34 -8.57 -14.34
C MET A 1 -24.03 -10.06 -14.32
N LYS A 2 -23.94 -10.66 -15.49
CA LYS A 2 -23.65 -12.09 -15.62
C LYS A 2 -22.66 -12.34 -16.75
N ASP A 3 -22.60 -11.41 -17.70
CA ASP A 3 -21.70 -11.55 -18.83
C ASP A 3 -20.23 -11.59 -18.36
N PRO A 4 -19.42 -12.55 -18.81
CA PRO A 4 -17.97 -12.64 -18.39
C PRO A 4 -17.23 -11.30 -18.52
N LYS A 5 -17.73 -10.42 -19.35
CA LYS A 5 -17.10 -9.11 -19.52
C LYS A 5 -17.41 -8.20 -18.32
N THR A 6 -18.67 -8.27 -17.91
CA THR A 6 -19.20 -7.56 -16.74
C THR A 6 -18.86 -8.29 -15.43
N LEU A 7 -18.76 -9.61 -15.57
CA LEU A 7 -18.44 -10.49 -14.44
C LEU A 7 -17.01 -10.27 -13.92
N LEU A 8 -16.04 -10.29 -14.82
CA LEU A 8 -14.61 -10.08 -14.54
C LEU A 8 -14.24 -8.59 -14.33
N ARG A 9 -15.11 -7.76 -14.87
CA ARG A 9 -14.94 -6.30 -14.80
C ARG A 9 -15.13 -5.77 -13.36
N VAL A 10 -15.96 -6.45 -12.58
CA VAL A 10 -16.23 -6.03 -11.21
C VAL A 10 -15.03 -6.26 -10.29
N SER A 11 -14.21 -7.29 -10.49
CA SER A 11 -13.06 -7.48 -9.61
C SER A 11 -11.99 -6.41 -9.84
N ILE A 12 -11.53 -6.23 -11.05
CA ILE A 12 -10.45 -5.24 -11.27
C ILE A 12 -10.86 -3.87 -10.69
N ILE A 13 -12.10 -3.56 -11.00
CA ILE A 13 -12.74 -2.32 -10.56
C ILE A 13 -12.81 -2.22 -9.00
N GLY A 14 -13.21 -3.30 -8.34
CA GLY A 14 -13.24 -3.34 -6.86
C GLY A 14 -11.87 -3.75 -6.26
N THR A 15 -11.16 -4.52 -7.06
CA THR A 15 -9.82 -5.06 -6.73
C THR A 15 -8.72 -4.01 -6.85
N THR A 16 -8.90 -3.01 -7.70
CA THR A 16 -7.90 -1.97 -7.88
C THR A 16 -7.95 -0.93 -6.74
N LEU A 17 -9.13 -0.74 -6.16
CA LEU A 17 -9.36 0.23 -5.10
C LEU A 17 -8.80 -0.17 -3.73
N VAL A 18 -8.61 -1.46 -3.43
CA VAL A 18 -8.11 -1.78 -2.10
C VAL A 18 -6.76 -1.10 -1.89
N ALA A 19 -5.86 -1.36 -2.82
CA ALA A 19 -4.50 -0.83 -2.78
C ALA A 19 -4.46 0.70 -2.73
N LEU A 20 -5.45 1.33 -3.35
CA LEU A 20 -5.51 2.79 -3.32
C LEU A 20 -5.75 3.29 -1.89
N SER A 21 -6.68 2.65 -1.18
CA SER A 21 -6.95 3.05 0.20
C SER A 21 -5.83 2.54 1.11
N SER A 22 -5.05 1.62 0.59
CA SER A 22 -3.96 1.02 1.35
C SER A 22 -2.73 1.94 1.44
N PHE A 23 -2.71 2.92 0.54
CA PHE A 23 -1.58 3.88 0.51
C PHE A 23 -1.74 5.03 1.54
N THR A 24 -2.92 5.62 1.73
CA THR A 24 -3.04 6.75 2.67
C THR A 24 -2.84 6.37 4.16
N PRO A 25 -3.32 5.24 4.59
CA PRO A 25 -3.24 4.78 6.02
C PRO A 25 -1.87 4.95 6.67
N VAL A 26 -0.79 5.01 5.91
CA VAL A 26 0.52 5.20 6.53
C VAL A 26 0.55 6.51 7.32
N LEU A 27 0.00 7.57 6.74
CA LEU A 27 0.01 8.90 7.36
C LEU A 27 -0.46 8.88 8.82
N VAL A 28 -1.28 7.91 9.17
CA VAL A 28 -1.81 7.81 10.55
C VAL A 28 -0.71 7.42 11.55
N ILE A 29 0.27 6.66 11.07
CA ILE A 29 1.37 6.22 11.92
C ILE A 29 2.12 7.40 12.53
N LEU A 30 2.27 8.50 11.79
CA LEU A 30 2.99 9.64 12.34
C LEU A 30 2.32 10.13 13.62
N LEU A 31 1.01 10.36 13.61
CA LEU A 31 0.35 10.86 14.81
C LEU A 31 0.63 9.92 15.97
N GLY A 32 0.57 8.63 15.66
CA GLY A 32 0.84 7.58 16.64
C GLY A 32 2.28 7.68 17.13
N VAL A 33 3.19 7.87 16.17
CA VAL A 33 4.60 8.04 16.53
C VAL A 33 4.67 9.21 17.51
N VAL A 34 4.05 10.33 17.13
CA VAL A 34 4.06 11.52 17.97
C VAL A 34 3.42 11.16 19.32
N GLY A 35 2.34 10.39 19.21
CA GLY A 35 1.62 9.95 20.40
C GLY A 35 2.56 9.14 21.28
N LEU A 36 3.30 8.24 20.65
CA LEU A 36 4.27 7.40 21.33
C LEU A 36 5.49 8.21 21.78
N SER A 37 5.82 9.23 20.99
CA SER A 37 6.94 10.12 21.34
C SER A 37 6.60 10.80 22.66
N ALA A 38 5.35 11.14 22.83
CA ALA A 38 4.92 11.75 24.09
C ALA A 38 5.23 10.80 25.26
N LEU A 39 5.08 9.51 25.03
CA LEU A 39 5.40 8.54 26.09
C LEU A 39 6.93 8.36 26.28
N THR A 40 7.62 8.07 25.17
CA THR A 40 9.09 7.80 25.20
C THR A 40 9.94 9.00 24.78
N GLY A 41 9.28 10.09 24.43
CA GLY A 41 9.99 11.33 24.10
C GLY A 41 11.02 11.20 22.98
N TYR A 42 10.57 11.11 21.73
CA TYR A 42 11.47 11.00 20.59
C TYR A 42 11.40 12.31 19.77
N LEU A 43 10.93 13.37 20.41
CA LEU A 43 10.79 14.68 19.78
C LEU A 43 12.02 15.07 18.95
N ASP A 44 13.16 15.15 19.63
CA ASP A 44 14.42 15.52 18.98
C ASP A 44 14.80 14.44 17.97
N TYR A 45 14.57 13.19 18.33
CA TYR A 45 14.93 12.07 17.45
C TYR A 45 14.24 12.15 16.09
N VAL A 46 12.95 12.53 16.06
CA VAL A 46 12.15 12.61 14.81
C VAL A 46 12.98 12.50 13.53
N LEU A 47 14.07 13.25 13.42
CA LEU A 47 14.87 13.22 12.20
C LEU A 47 15.32 11.79 11.85
N LEU A 48 15.85 11.09 12.86
CA LEU A 48 16.36 9.72 12.65
C LEU A 48 15.25 8.73 12.19
N PRO A 49 14.16 8.54 12.90
CA PRO A 49 13.06 7.63 12.44
C PRO A 49 12.66 7.89 10.99
N ALA A 50 12.89 9.11 10.51
CA ALA A 50 12.58 9.49 9.13
C ALA A 50 13.47 8.73 8.14
N LEU A 51 14.68 8.41 8.55
CA LEU A 51 15.59 7.67 7.67
C LEU A 51 15.01 6.29 7.39
N ALA A 52 14.43 5.71 8.44
CA ALA A 52 13.81 4.40 8.33
C ALA A 52 12.68 4.47 7.30
N ILE A 53 11.89 5.53 7.35
CA ILE A 53 10.80 5.70 6.39
C ILE A 53 11.34 5.83 4.97
N PHE A 54 12.29 6.72 4.74
CA PHE A 54 12.86 6.88 3.40
C PHE A 54 13.47 5.57 2.92
N ILE A 55 14.17 4.88 3.80
CA ILE A 55 14.77 3.60 3.46
C ILE A 55 13.67 2.60 3.15
N GLY A 56 12.64 2.64 3.98
CA GLY A 56 11.48 1.77 3.83
C GLY A 56 10.77 2.06 2.51
N LEU A 57 10.65 3.33 2.17
CA LEU A 57 9.99 3.72 0.93
C LEU A 57 10.74 3.15 -0.27
N THR A 58 12.06 3.37 -0.30
CA THR A 58 12.86 2.90 -1.42
C THR A 58 12.63 1.40 -1.66
N ILE A 59 12.50 0.65 -0.58
CA ILE A 59 12.24 -0.78 -0.68
C ILE A 59 10.86 -1.00 -1.33
N TYR A 60 9.86 -0.26 -0.89
CA TYR A 60 8.51 -0.41 -1.44
C TYR A 60 8.51 -0.31 -2.97
N ALA A 61 9.26 0.62 -3.55
CA ALA A 61 9.31 0.76 -5.00
C ALA A 61 9.95 -0.46 -5.67
N ILE A 62 10.83 -1.17 -4.98
CA ILE A 62 11.46 -2.35 -5.57
C ILE A 62 10.49 -3.52 -5.68
N GLN A 63 9.70 -3.71 -4.62
CA GLN A 63 8.73 -4.81 -4.59
C GLN A 63 7.60 -4.56 -5.61
N ARG A 64 7.27 -3.29 -5.81
CA ARG A 64 6.25 -2.86 -6.76
C ARG A 64 6.72 -2.86 -8.22
N LYS A 65 8.04 -2.81 -8.38
CA LYS A 65 8.69 -2.75 -9.70
C LYS A 65 8.76 -4.09 -10.45
N ARG A 66 8.90 -5.14 -9.64
CA ARG A 66 8.96 -6.53 -10.14
C ARG A 66 7.56 -7.14 -10.37
N GLN A 67 6.67 -6.85 -9.44
CA GLN A 67 5.27 -7.26 -9.51
C GLN A 67 4.44 -6.24 -10.31
N ALA A 68 5.07 -5.11 -10.57
CA ALA A 68 4.39 -3.98 -11.23
C ALA A 68 3.53 -4.53 -12.38
N ASP A 69 4.09 -5.47 -13.12
CA ASP A 69 3.32 -6.16 -14.18
C ASP A 69 2.13 -6.84 -13.54
N ALA A 70 2.40 -7.60 -12.49
CA ALA A 70 1.36 -8.33 -11.78
C ALA A 70 0.30 -7.37 -11.22
N SER A 71 0.75 -6.21 -10.74
CA SER A 71 -0.17 -5.23 -10.16
C SER A 71 -1.20 -4.76 -11.19
N SER A 72 -0.76 -4.55 -12.44
CA SER A 72 -1.66 -4.08 -13.49
C SER A 72 -1.64 -5.03 -14.69
N THR A 73 -2.83 -5.38 -15.17
CA THR A 73 -2.96 -6.27 -16.33
C THR A 73 -2.11 -7.52 -16.13
N PRO A 74 -2.38 -8.28 -15.09
CA PRO A 74 -1.62 -9.54 -14.80
C PRO A 74 -1.96 -10.65 -15.78
N LYS A 75 -1.00 -11.54 -16.02
CA LYS A 75 -1.20 -12.65 -16.94
C LYS A 75 -2.34 -13.54 -16.45
N PHE A 76 -2.36 -13.83 -15.16
CA PHE A 76 -3.41 -14.67 -14.58
C PHE A 76 -4.77 -14.00 -14.74
N ASN A 77 -5.73 -14.75 -15.28
CA ASN A 77 -7.09 -14.24 -15.47
C ASN A 77 -8.12 -15.30 -15.11
N GLY A 78 -7.68 -16.31 -14.35
CA GLY A 78 -8.58 -17.38 -13.94
C GLY A 78 -9.53 -16.91 -12.85
N VAL A 79 -10.55 -17.72 -12.57
CA VAL A 79 -11.54 -17.38 -11.54
C VAL A 79 -11.53 -18.42 -10.43
N LYS A 80 -11.39 -17.96 -9.19
CA LYS A 80 -11.37 -18.87 -8.05
C LYS A 80 -12.70 -19.61 -7.93
N LYS A 81 -13.79 -18.90 -8.19
CA LYS A 81 -15.12 -19.51 -8.11
C LYS A 81 -15.38 -20.38 -9.34
N MET A 1 -22.13 -8.38 -28.68
CA MET A 1 -22.77 -9.44 -27.86
C MET A 1 -21.72 -10.14 -27.00
N LYS A 2 -20.67 -9.41 -26.65
CA LYS A 2 -19.58 -9.97 -25.84
C LYS A 2 -19.91 -9.81 -24.36
N ASP A 3 -20.50 -10.85 -23.77
CA ASP A 3 -20.85 -10.82 -22.35
C ASP A 3 -19.59 -10.67 -21.48
N PRO A 4 -18.50 -11.33 -21.84
CA PRO A 4 -17.23 -11.27 -21.06
C PRO A 4 -16.60 -9.87 -21.06
N LYS A 5 -17.27 -8.93 -21.71
CA LYS A 5 -16.78 -7.56 -21.77
C LYS A 5 -17.03 -6.79 -20.48
N THR A 6 -18.30 -6.85 -20.05
CA THR A 6 -18.76 -6.24 -18.80
C THR A 6 -18.41 -7.11 -17.59
N LEU A 7 -18.36 -8.40 -17.85
CA LEU A 7 -18.02 -9.39 -16.82
C LEU A 7 -16.58 -9.14 -16.33
N LEU A 8 -15.68 -8.96 -17.28
CA LEU A 8 -14.25 -8.67 -17.04
C LEU A 8 -14.01 -7.21 -16.62
N ARG A 9 -15.00 -6.39 -16.97
CA ARG A 9 -14.98 -4.96 -16.64
C ARG A 9 -15.01 -4.71 -15.13
N VAL A 10 -15.68 -5.60 -14.40
CA VAL A 10 -15.78 -5.47 -12.95
C VAL A 10 -14.42 -5.57 -12.27
N SER A 11 -13.47 -6.31 -12.81
CA SER A 11 -12.16 -6.38 -12.16
C SER A 11 -11.49 -5.02 -12.16
N ILE A 12 -11.37 -4.37 -13.30
CA ILE A 12 -10.70 -3.07 -13.33
C ILE A 12 -11.36 -2.10 -12.31
N ILE A 13 -12.66 -2.13 -12.37
CA ILE A 13 -13.49 -1.32 -11.47
C ILE A 13 -13.21 -1.67 -9.98
N GLY A 14 -13.09 -2.95 -9.68
CA GLY A 14 -12.74 -3.40 -8.30
C GLY A 14 -11.20 -3.37 -8.09
N THR A 15 -10.56 -3.98 -9.06
CA THR A 15 -9.10 -4.16 -9.12
C THR A 15 -8.34 -2.83 -9.10
N THR A 16 -8.95 -1.77 -9.60
CA THR A 16 -8.32 -0.44 -9.60
C THR A 16 -8.36 0.20 -8.21
N LEU A 17 -9.41 -0.09 -7.47
CA LEU A 17 -9.64 0.47 -6.14
C LEU A 17 -8.71 -0.07 -5.04
N VAL A 18 -8.16 -1.27 -5.16
CA VAL A 18 -7.31 -1.75 -4.08
C VAL A 18 -6.23 -0.72 -3.78
N ALA A 19 -5.53 -0.34 -4.85
CA ALA A 19 -4.42 0.61 -4.79
C ALA A 19 -4.87 1.96 -4.22
N LEU A 20 -6.13 2.31 -4.46
CA LEU A 20 -6.65 3.58 -3.94
C LEU A 20 -6.75 3.52 -2.42
N SER A 21 -7.32 2.44 -1.89
CA SER A 21 -7.46 2.29 -0.44
C SER A 21 -6.15 1.88 0.22
N SER A 22 -5.32 1.19 -0.54
CA SER A 22 -4.04 0.67 -0.04
C SER A 22 -2.91 1.71 -0.07
N PHE A 23 -3.08 2.78 -0.84
CA PHE A 23 -2.02 3.82 -0.86
C PHE A 23 -2.13 4.79 0.35
N THR A 24 -3.32 5.25 0.73
CA THR A 24 -3.42 6.23 1.85
C THR A 24 -3.06 5.67 3.25
N PRO A 25 -3.42 4.46 3.55
CA PRO A 25 -3.20 3.84 4.91
C PRO A 25 -1.80 3.99 5.49
N VAL A 26 -0.77 4.18 4.66
CA VAL A 26 0.57 4.31 5.22
C VAL A 26 0.68 5.55 6.13
N LEU A 27 0.17 6.67 5.66
CA LEU A 27 0.26 7.94 6.39
C LEU A 27 -0.19 7.83 7.85
N VAL A 28 -1.06 6.89 8.16
CA VAL A 28 -1.58 6.72 9.52
C VAL A 28 -0.51 6.16 10.48
N ILE A 29 0.39 5.34 9.93
CA ILE A 29 1.44 4.73 10.74
C ILE A 29 2.31 5.80 11.42
N LEU A 30 2.55 6.93 10.76
CA LEU A 30 3.38 7.96 11.36
C LEU A 30 2.78 8.42 12.69
N LEU A 31 1.49 8.76 12.73
CA LEU A 31 0.92 9.24 13.98
C LEU A 31 1.10 8.20 15.07
N GLY A 32 0.89 6.94 14.68
CA GLY A 32 1.06 5.82 15.61
C GLY A 32 2.51 5.73 16.07
N VAL A 33 3.43 5.89 15.12
CA VAL A 33 4.85 5.89 15.46
C VAL A 33 5.05 6.98 16.50
N VAL A 34 4.54 8.18 16.21
CA VAL A 34 4.67 9.30 17.13
C VAL A 34 4.03 8.92 18.47
N GLY A 35 2.88 8.26 18.34
CA GLY A 35 2.15 7.80 19.52
C GLY A 35 3.05 6.84 20.31
N LEU A 36 3.71 5.95 19.58
CA LEU A 36 4.63 4.98 20.16
C LEU A 36 5.91 5.66 20.65
N SER A 37 6.29 6.72 19.93
CA SER A 37 7.45 7.51 20.31
C SER A 37 7.22 8.09 21.69
N ALA A 38 6.01 8.54 21.93
CA ALA A 38 5.66 9.09 23.24
C ALA A 38 5.90 8.05 24.35
N LEU A 39 5.62 6.79 24.06
CA LEU A 39 5.85 5.74 25.06
C LEU A 39 7.36 5.44 25.22
N THR A 40 8.02 5.21 24.09
CA THR A 40 9.46 4.89 24.07
C THR A 40 10.32 6.13 23.83
N GLY A 41 9.67 7.28 23.85
CA GLY A 41 10.34 8.57 23.75
C GLY A 41 11.33 8.66 22.58
N TYR A 42 10.84 8.96 21.38
CA TYR A 42 11.69 9.08 20.20
C TYR A 42 11.51 10.48 19.59
N LEU A 43 11.03 11.42 20.40
CA LEU A 43 10.79 12.79 19.95
C LEU A 43 11.95 13.34 19.13
N ASP A 44 13.14 13.33 19.74
CA ASP A 44 14.34 13.81 19.06
C ASP A 44 14.69 12.89 17.90
N TYR A 45 14.53 11.59 18.11
CA TYR A 45 14.86 10.62 17.06
C TYR A 45 14.06 10.90 15.79
N VAL A 46 12.77 11.24 15.93
CA VAL A 46 11.86 11.50 14.78
C VAL A 46 12.57 11.60 13.44
N LEU A 47 13.63 12.39 13.35
CA LEU A 47 14.32 12.55 12.08
C LEU A 47 14.77 11.20 11.50
N LEU A 48 15.39 10.38 12.35
CA LEU A 48 15.90 9.07 11.92
C LEU A 48 14.79 8.14 11.39
N PRO A 49 13.76 7.80 12.15
CA PRO A 49 12.65 6.94 11.66
C PRO A 49 12.13 7.38 10.29
N ALA A 50 12.31 8.66 9.97
CA ALA A 50 11.90 9.21 8.68
C ALA A 50 12.72 8.60 7.54
N LEU A 51 13.97 8.23 7.84
CA LEU A 51 14.80 7.60 6.81
C LEU A 51 14.21 6.27 6.39
N ALA A 52 13.68 5.55 7.38
CA ALA A 52 13.05 4.26 7.12
C ALA A 52 11.87 4.44 6.18
N ILE A 53 11.06 5.46 6.42
CA ILE A 53 9.92 5.73 5.54
C ILE A 53 10.38 6.08 4.13
N PHE A 54 11.32 7.00 3.96
CA PHE A 54 11.77 7.34 2.61
C PHE A 54 12.37 6.12 1.91
N ILE A 55 13.12 5.31 2.66
CA ILE A 55 13.72 4.11 2.08
C ILE A 55 12.61 3.13 1.70
N GLY A 56 11.64 3.02 2.60
CA GLY A 56 10.50 2.15 2.40
C GLY A 56 9.64 2.62 1.23
N LEU A 57 9.43 3.92 1.15
CA LEU A 57 8.62 4.53 0.09
C LEU A 57 9.26 4.40 -1.28
N THR A 58 10.59 4.40 -1.33
CA THR A 58 11.30 4.28 -2.60
C THR A 58 11.17 2.86 -3.15
N ILE A 59 11.21 1.89 -2.23
CA ILE A 59 11.06 0.48 -2.59
C ILE A 59 9.67 0.25 -3.18
N TYR A 60 8.65 0.84 -2.55
CA TYR A 60 7.28 0.66 -3.01
C TYR A 60 7.15 0.89 -4.51
N ALA A 61 7.93 1.80 -5.09
CA ALA A 61 7.84 2.00 -6.54
C ALA A 61 8.42 0.81 -7.31
N ILE A 62 9.64 0.38 -6.99
CA ILE A 62 10.27 -0.71 -7.75
C ILE A 62 9.33 -1.92 -7.86
N GLN A 63 8.66 -2.26 -6.76
CA GLN A 63 7.74 -3.39 -6.78
C GLN A 63 6.50 -3.07 -7.62
N ARG A 64 6.06 -1.82 -7.58
CA ARG A 64 4.91 -1.33 -8.35
C ARG A 64 5.31 -1.05 -9.82
N LYS A 65 6.61 -0.89 -10.03
CA LYS A 65 7.19 -0.56 -11.33
C LYS A 65 7.18 -1.69 -12.38
N ARG A 66 7.37 -2.92 -11.89
CA ARG A 66 7.26 -4.07 -12.81
C ARG A 66 5.78 -4.34 -13.06
N GLN A 67 5.06 -4.64 -11.99
CA GLN A 67 3.63 -4.93 -12.06
C GLN A 67 2.87 -3.74 -12.65
N ALA A 68 3.57 -2.62 -12.74
CA ALA A 68 2.97 -1.37 -13.20
C ALA A 68 2.07 -1.67 -14.39
N ASP A 69 2.52 -2.59 -15.23
CA ASP A 69 1.71 -3.03 -16.36
C ASP A 69 0.37 -3.56 -15.82
N ALA A 70 0.44 -4.54 -14.93
CA ALA A 70 -0.76 -5.11 -14.35
C ALA A 70 -1.56 -4.06 -13.58
N SER A 71 -0.85 -3.20 -12.86
CA SER A 71 -1.48 -2.15 -12.08
C SER A 71 -2.35 -2.76 -10.99
N SER A 72 -1.89 -3.88 -10.44
CA SER A 72 -2.63 -4.57 -9.38
C SER A 72 -1.69 -5.43 -8.54
N THR A 73 -2.16 -5.84 -7.36
CA THR A 73 -1.36 -6.68 -6.47
C THR A 73 -2.19 -7.87 -5.97
N PRO A 74 -1.61 -9.05 -5.86
CA PRO A 74 -2.36 -10.27 -5.41
C PRO A 74 -2.70 -10.20 -3.92
N LYS A 75 -3.78 -10.87 -3.55
CA LYS A 75 -4.22 -10.89 -2.14
C LYS A 75 -3.56 -12.04 -1.40
N PHE A 76 -2.80 -12.86 -2.12
CA PHE A 76 -2.12 -14.00 -1.52
C PHE A 76 -3.14 -14.91 -0.82
N ASN A 77 -2.64 -15.96 -0.19
CA ASN A 77 -3.52 -16.89 0.52
C ASN A 77 -4.60 -17.43 -0.41
N GLY A 78 -4.51 -18.71 -0.76
CA GLY A 78 -5.48 -19.32 -1.65
C GLY A 78 -6.88 -19.25 -1.04
N VAL A 79 -6.97 -19.49 0.27
CA VAL A 79 -8.26 -19.45 0.97
C VAL A 79 -8.08 -18.84 2.36
N LYS A 80 -9.01 -17.97 2.73
CA LYS A 80 -8.97 -17.32 4.04
C LYS A 80 -9.09 -18.35 5.15
N LYS A 81 -9.95 -19.33 4.95
CA LYS A 81 -10.16 -20.38 5.95
C LYS A 81 -11.00 -21.52 5.35
N MET A 1 -13.22 -10.48 -28.96
CA MET A 1 -14.40 -10.00 -28.19
C MET A 1 -14.67 -10.93 -27.02
N LYS A 2 -15.54 -10.51 -26.11
CA LYS A 2 -15.88 -11.31 -24.94
C LYS A 2 -17.29 -10.97 -24.45
N ASP A 3 -18.03 -11.98 -23.98
CA ASP A 3 -19.38 -11.76 -23.50
C ASP A 3 -19.43 -11.00 -22.15
N PRO A 4 -18.65 -11.39 -21.16
CA PRO A 4 -18.66 -10.67 -19.83
C PRO A 4 -17.96 -9.31 -19.91
N LYS A 5 -18.59 -8.36 -20.60
CA LYS A 5 -18.03 -7.02 -20.74
C LYS A 5 -18.22 -6.17 -19.48
N THR A 6 -19.48 -6.13 -19.04
CA THR A 6 -19.89 -5.42 -17.83
C THR A 6 -19.59 -6.25 -16.58
N LEU A 7 -19.64 -7.56 -16.80
CA LEU A 7 -19.34 -8.52 -15.75
C LEU A 7 -17.89 -8.37 -15.29
N LEU A 8 -17.00 -8.25 -16.27
CA LEU A 8 -15.56 -8.05 -16.08
C LEU A 8 -15.22 -6.61 -15.70
N ARG A 9 -16.15 -5.73 -16.07
CA ARG A 9 -16.03 -4.29 -15.81
C ARG A 9 -16.07 -4.00 -14.31
N VAL A 10 -16.81 -4.82 -13.57
CA VAL A 10 -16.94 -4.66 -12.12
C VAL A 10 -15.61 -4.87 -11.40
N SER A 11 -14.78 -5.82 -11.82
CA SER A 11 -13.51 -6.00 -11.15
C SER A 11 -12.66 -4.74 -11.25
N ILE A 12 -12.46 -4.21 -12.43
CA ILE A 12 -11.60 -3.01 -12.58
C ILE A 12 -12.11 -1.87 -11.67
N ILE A 13 -13.40 -1.69 -11.77
CA ILE A 13 -14.10 -0.67 -10.97
C ILE A 13 -13.91 -0.92 -9.45
N GLY A 14 -13.99 -2.19 -9.03
CA GLY A 14 -13.73 -2.53 -7.61
C GLY A 14 -12.20 -2.68 -7.36
N THR A 15 -11.63 -3.46 -8.24
CA THR A 15 -10.20 -3.83 -8.24
C THR A 15 -9.27 -2.61 -8.29
N THR A 16 -9.74 -1.51 -8.88
CA THR A 16 -8.94 -0.29 -8.96
C THR A 16 -8.91 0.46 -7.63
N LEU A 17 -10.00 0.37 -6.88
CA LEU A 17 -10.18 1.07 -5.60
C LEU A 17 -9.34 0.50 -4.45
N VAL A 18 -8.95 -0.76 -4.46
CA VAL A 18 -8.19 -1.26 -3.31
C VAL A 18 -6.97 -0.37 -3.09
N ALA A 19 -6.23 -0.18 -4.17
CA ALA A 19 -5.01 0.62 -4.18
C ALA A 19 -5.27 2.05 -3.72
N LEU A 20 -6.45 2.56 -4.01
CA LEU A 20 -6.78 3.92 -3.60
C LEU A 20 -6.89 4.01 -2.08
N SER A 21 -7.59 3.07 -1.46
CA SER A 21 -7.72 3.07 0.00
C SER A 21 -6.45 2.57 0.68
N SER A 22 -5.67 1.81 -0.07
CA SER A 22 -4.43 1.22 0.45
C SER A 22 -3.22 2.17 0.37
N PHE A 23 -3.32 3.21 -0.44
CA PHE A 23 -2.20 4.17 -0.50
C PHE A 23 -2.25 5.19 0.67
N THR A 24 -3.41 5.72 1.06
CA THR A 24 -3.46 6.74 2.13
C THR A 24 -3.11 6.22 3.54
N PRO A 25 -3.55 5.05 3.91
CA PRO A 25 -3.33 4.46 5.26
C PRO A 25 -1.91 4.55 5.81
N VAL A 26 -0.89 4.67 4.96
CA VAL A 26 0.45 4.76 5.48
C VAL A 26 0.61 6.03 6.32
N LEU A 27 0.12 7.16 5.81
CA LEU A 27 0.25 8.44 6.49
C LEU A 27 -0.20 8.37 7.95
N VAL A 28 -1.12 7.45 8.24
CA VAL A 28 -1.63 7.27 9.59
C VAL A 28 -0.59 6.67 10.52
N ILE A 29 0.26 5.82 9.96
CA ILE A 29 1.32 5.19 10.73
C ILE A 29 2.25 6.24 11.32
N LEU A 30 2.61 7.26 10.55
CA LEU A 30 3.51 8.30 11.02
C LEU A 30 2.97 9.03 12.25
N LEU A 31 1.65 9.11 12.39
CA LEU A 31 1.07 9.75 13.57
C LEU A 31 1.19 8.82 14.79
N GLY A 32 0.86 7.56 14.52
CA GLY A 32 0.88 6.51 15.53
C GLY A 32 2.28 6.22 16.08
N VAL A 33 3.25 6.07 15.18
CA VAL A 33 4.63 5.84 15.63
C VAL A 33 4.97 6.98 16.58
N VAL A 34 4.66 8.20 16.17
CA VAL A 34 4.94 9.37 17.01
C VAL A 34 4.21 9.19 18.34
N GLY A 35 3.00 8.69 18.23
CA GLY A 35 2.17 8.43 19.41
C GLY A 35 2.88 7.44 20.33
N LEU A 36 3.38 6.37 19.72
CA LEU A 36 4.10 5.33 20.45
C LEU A 36 5.47 5.85 20.90
N SER A 37 6.02 6.78 20.12
CA SER A 37 7.29 7.39 20.46
C SER A 37 7.13 8.12 21.79
N ALA A 38 5.99 8.73 21.97
CA ALA A 38 5.71 9.43 23.24
C ALA A 38 5.82 8.45 24.42
N LEU A 39 5.40 7.21 24.20
CA LEU A 39 5.51 6.21 25.27
C LEU A 39 6.98 5.75 25.46
N THR A 40 7.61 5.35 24.36
CA THR A 40 9.01 4.87 24.38
C THR A 40 10.00 6.01 24.07
N GLY A 41 9.47 7.20 23.96
CA GLY A 41 10.31 8.40 23.77
C GLY A 41 11.25 8.33 22.57
N TYR A 42 10.72 8.37 21.34
CA TYR A 42 11.55 8.34 20.14
C TYR A 42 11.47 9.70 19.43
N LEU A 43 11.07 10.73 20.18
CA LEU A 43 10.93 12.08 19.65
C LEU A 43 12.12 12.51 18.78
N ASP A 44 13.30 12.43 19.38
CA ASP A 44 14.53 12.79 18.68
C ASP A 44 14.80 11.78 17.57
N TYR A 45 14.53 10.52 17.84
CA TYR A 45 14.78 9.46 16.87
C TYR A 45 14.02 9.70 15.56
N VAL A 46 12.74 10.09 15.65
CA VAL A 46 11.86 10.31 14.47
C VAL A 46 12.58 10.28 13.11
N LEU A 47 13.67 11.01 12.99
CA LEU A 47 14.39 11.06 11.72
C LEU A 47 14.72 9.64 11.20
N LEU A 48 15.26 8.81 12.07
CA LEU A 48 15.66 7.44 11.71
C LEU A 48 14.47 6.54 11.26
N PRO A 49 13.45 6.35 12.05
CA PRO A 49 12.30 5.48 11.64
C PRO A 49 11.55 6.03 10.42
N ALA A 50 11.57 7.35 10.23
CA ALA A 50 10.93 7.96 9.08
C ALA A 50 11.74 7.74 7.82
N LEU A 51 13.06 7.65 7.95
CA LEU A 51 13.92 7.43 6.79
C LEU A 51 13.63 6.06 6.19
N ALA A 52 13.46 5.07 7.06
CA ALA A 52 13.15 3.71 6.60
C ALA A 52 11.86 3.72 5.80
N ILE A 53 10.87 4.46 6.29
CA ILE A 53 9.59 4.54 5.58
C ILE A 53 9.75 5.19 4.21
N PHE A 54 10.39 6.37 4.13
CA PHE A 54 10.57 7.03 2.84
C PHE A 54 11.37 6.17 1.87
N ILE A 55 12.42 5.52 2.35
CA ILE A 55 13.20 4.64 1.51
C ILE A 55 12.34 3.46 1.04
N GLY A 56 11.55 2.96 1.99
CA GLY A 56 10.65 1.85 1.73
C GLY A 56 9.56 2.25 0.73
N LEU A 57 9.05 3.47 0.89
CA LEU A 57 7.97 3.98 0.03
C LEU A 57 8.45 4.27 -1.39
N THR A 58 9.72 4.65 -1.52
CA THR A 58 10.29 4.96 -2.84
C THR A 58 10.47 3.70 -3.68
N ILE A 59 10.94 2.63 -3.04
CA ILE A 59 11.13 1.37 -3.75
C ILE A 59 9.77 0.84 -4.22
N TYR A 60 8.73 1.02 -3.40
CA TYR A 60 7.40 0.54 -3.77
C TYR A 60 7.00 1.02 -5.17
N ALA A 61 7.46 2.18 -5.59
CA ALA A 61 7.14 2.70 -6.93
C ALA A 61 7.88 1.95 -8.06
N ILE A 62 9.03 1.36 -7.79
CA ILE A 62 9.75 0.63 -8.86
C ILE A 62 9.08 -0.70 -9.19
N GLN A 63 8.57 -1.36 -8.16
CA GLN A 63 7.90 -2.66 -8.34
C GLN A 63 6.65 -2.49 -9.22
N ARG A 64 5.98 -1.35 -9.12
CA ARG A 64 4.83 -1.13 -9.98
C ARG A 64 5.30 -1.07 -11.42
N LYS A 65 6.26 -0.22 -11.71
CA LYS A 65 6.74 -0.06 -13.09
C LYS A 65 7.15 -1.37 -13.78
N ARG A 66 7.53 -2.41 -13.05
CA ARG A 66 7.83 -3.71 -13.68
C ARG A 66 6.55 -4.54 -13.94
N GLN A 67 5.76 -4.66 -12.90
CA GLN A 67 4.44 -5.35 -12.90
C GLN A 67 3.31 -4.42 -13.37
N ALA A 68 3.67 -3.15 -13.46
CA ALA A 68 2.70 -2.09 -13.78
C ALA A 68 1.76 -2.58 -14.89
N ASP A 69 2.31 -3.30 -15.86
CA ASP A 69 1.50 -3.89 -16.91
C ASP A 69 0.51 -4.85 -16.27
N ALA A 70 1.03 -5.75 -15.45
CA ALA A 70 0.21 -6.74 -14.76
C ALA A 70 -0.81 -6.07 -13.86
N SER A 71 -0.40 -5.00 -13.19
CA SER A 71 -1.30 -4.28 -12.29
C SER A 71 -1.95 -5.23 -11.30
N SER A 72 -1.15 -6.09 -10.68
CA SER A 72 -1.66 -7.05 -9.71
C SER A 72 -0.57 -7.46 -8.72
N THR A 73 -0.98 -8.03 -7.60
CA THR A 73 -0.03 -8.45 -6.58
C THR A 73 0.75 -9.68 -7.07
N PRO A 74 1.99 -9.85 -6.64
CA PRO A 74 2.82 -11.01 -7.07
C PRO A 74 2.29 -12.33 -6.50
N LYS A 75 1.52 -12.23 -5.41
CA LYS A 75 0.96 -13.41 -4.76
C LYS A 75 -0.33 -13.06 -4.03
N PHE A 76 -1.15 -14.06 -3.75
CA PHE A 76 -2.42 -13.85 -3.05
C PHE A 76 -2.64 -14.97 -2.02
N ASN A 77 -2.37 -14.65 -0.75
CA ASN A 77 -2.54 -15.64 0.32
C ASN A 77 -4.01 -16.07 0.45
N GLY A 78 -4.91 -15.09 0.37
CA GLY A 78 -6.34 -15.38 0.49
C GLY A 78 -6.73 -15.57 1.95
N VAL A 79 -7.97 -16.03 2.17
CA VAL A 79 -8.48 -16.26 3.53
C VAL A 79 -8.89 -17.72 3.69
N LYS A 80 -8.36 -18.36 4.74
CA LYS A 80 -8.70 -19.76 5.00
C LYS A 80 -10.19 -19.91 5.25
N LYS A 81 -10.76 -18.99 6.02
CA LYS A 81 -12.19 -19.05 6.32
C LYS A 81 -12.67 -17.69 6.82
N MET A 1 -20.10 -15.63 -19.01
CA MET A 1 -20.42 -16.45 -20.22
C MET A 1 -21.25 -15.60 -21.19
N LYS A 2 -22.46 -15.27 -20.80
CA LYS A 2 -23.34 -14.46 -21.64
C LYS A 2 -22.77 -13.05 -21.84
N ASP A 3 -22.31 -12.44 -20.74
CA ASP A 3 -21.75 -11.09 -20.77
C ASP A 3 -20.41 -11.04 -20.03
N PRO A 4 -19.38 -11.63 -20.59
CA PRO A 4 -18.03 -11.67 -19.96
C PRO A 4 -17.28 -10.33 -20.06
N LYS A 5 -17.82 -9.41 -20.84
CA LYS A 5 -17.19 -8.11 -21.01
C LYS A 5 -17.43 -7.15 -19.83
N THR A 6 -18.70 -7.02 -19.49
CA THR A 6 -19.17 -6.19 -18.36
C THR A 6 -19.03 -6.91 -17.00
N LEU A 7 -19.16 -8.21 -17.08
CA LEU A 7 -19.03 -9.06 -15.88
C LEU A 7 -17.62 -8.93 -15.29
N LEU A 8 -16.62 -9.03 -16.15
CA LEU A 8 -15.19 -8.89 -15.80
C LEU A 8 -14.79 -7.43 -15.58
N ARG A 9 -15.61 -6.55 -16.15
CA ARG A 9 -15.40 -5.10 -16.05
C ARG A 9 -15.56 -4.59 -14.62
N VAL A 10 -16.45 -5.23 -13.87
CA VAL A 10 -16.71 -4.86 -12.47
C VAL A 10 -15.51 -5.13 -11.55
N SER A 11 -14.80 -6.23 -11.73
CA SER A 11 -13.66 -6.49 -10.85
C SER A 11 -12.58 -5.43 -11.02
N ILE A 12 -12.12 -5.18 -12.23
CA ILE A 12 -11.04 -4.20 -12.42
C ILE A 12 -11.40 -2.82 -11.77
N ILE A 13 -12.62 -2.44 -12.05
CA ILE A 13 -13.18 -1.18 -11.50
C ILE A 13 -13.22 -1.18 -9.94
N GLY A 14 -13.64 -2.29 -9.35
CA GLY A 14 -13.66 -2.43 -7.87
C GLY A 14 -12.29 -2.91 -7.31
N THR A 15 -11.63 -3.68 -8.17
CA THR A 15 -10.31 -4.28 -7.89
C THR A 15 -9.18 -3.26 -7.97
N THR A 16 -9.35 -2.22 -8.78
CA THR A 16 -8.33 -1.18 -8.93
C THR A 16 -8.32 -0.21 -7.76
N LEU A 17 -9.50 0.03 -7.19
CA LEU A 17 -9.69 0.98 -6.10
C LEU A 17 -9.17 0.53 -4.72
N VAL A 18 -9.11 -0.77 -4.43
CA VAL A 18 -8.68 -1.13 -3.09
C VAL A 18 -7.26 -0.60 -2.84
N ALA A 19 -6.37 -0.94 -3.78
CA ALA A 19 -4.97 -0.57 -3.70
C ALA A 19 -4.76 0.94 -3.65
N LEU A 20 -5.66 1.68 -4.29
CA LEU A 20 -5.54 3.15 -4.29
C LEU A 20 -5.79 3.70 -2.87
N SER A 21 -6.85 3.25 -2.22
CA SER A 21 -7.14 3.72 -0.86
C SER A 21 -6.19 3.08 0.15
N SER A 22 -5.60 1.97 -0.25
CA SER A 22 -4.70 1.22 0.62
C SER A 22 -3.33 1.91 0.78
N PHE A 23 -3.07 2.83 -0.14
CA PHE A 23 -1.79 3.57 -0.11
C PHE A 23 -1.81 4.77 0.88
N THR A 24 -2.90 5.54 0.98
CA THR A 24 -2.90 6.72 1.88
C THR A 24 -2.82 6.38 3.39
N PRO A 25 -3.51 5.37 3.83
CA PRO A 25 -3.57 4.95 5.27
C PRO A 25 -2.24 4.93 6.00
N VAL A 26 -1.13 4.80 5.28
CA VAL A 26 0.17 4.81 5.95
C VAL A 26 0.36 6.15 6.68
N LEU A 27 0.03 7.25 6.02
CA LEU A 27 0.23 8.59 6.58
C LEU A 27 -0.34 8.71 8.01
N VAL A 28 -1.34 7.90 8.32
CA VAL A 28 -1.98 7.91 9.64
C VAL A 28 -1.04 7.41 10.74
N ILE A 29 -0.18 6.47 10.38
CA ILE A 29 0.79 5.94 11.34
C ILE A 29 1.56 7.10 11.98
N LEU A 30 1.79 8.17 11.24
CA LEU A 30 2.52 9.33 11.77
C LEU A 30 1.86 9.93 13.02
N LEU A 31 0.55 9.83 13.14
CA LEU A 31 -0.12 10.35 14.33
C LEU A 31 0.09 9.43 15.54
N GLY A 32 -0.02 8.14 15.25
CA GLY A 32 0.12 7.08 16.25
C GLY A 32 1.53 7.02 16.84
N VAL A 33 2.54 7.04 15.96
CA VAL A 33 3.93 7.02 16.43
C VAL A 33 4.07 8.16 17.46
N VAL A 34 3.55 9.34 17.10
CA VAL A 34 3.63 10.49 18.01
C VAL A 34 2.94 10.10 19.33
N GLY A 35 1.85 9.38 19.19
CA GLY A 35 1.12 8.92 20.36
C GLY A 35 2.06 8.07 21.22
N LEU A 36 2.80 7.22 20.55
CA LEU A 36 3.78 6.35 21.20
C LEU A 36 4.98 7.17 21.72
N SER A 37 5.26 8.28 21.01
CA SER A 37 6.33 9.19 21.43
C SER A 37 5.99 9.70 22.83
N ALA A 38 4.73 9.97 23.05
CA ALA A 38 4.31 10.41 24.37
C ALA A 38 4.73 9.35 25.39
N LEU A 39 4.64 8.09 25.00
CA LEU A 39 5.05 7.00 25.90
C LEU A 39 6.58 6.83 25.96
N THR A 40 7.20 6.66 24.77
CA THR A 40 8.65 6.39 24.66
C THR A 40 9.47 7.59 24.12
N GLY A 41 8.75 8.55 23.60
CA GLY A 41 9.36 9.79 23.09
C GLY A 41 10.55 9.56 22.16
N TYR A 42 10.37 9.97 20.91
CA TYR A 42 11.39 9.82 19.87
C TYR A 42 11.61 11.17 19.15
N LEU A 43 11.29 12.27 19.82
CA LEU A 43 11.42 13.60 19.24
C LEU A 43 12.76 13.81 18.52
N ASP A 44 13.85 13.73 19.27
CA ASP A 44 15.18 13.93 18.70
C ASP A 44 15.51 12.78 17.75
N TYR A 45 15.18 11.56 18.15
CA TYR A 45 15.49 10.40 17.31
C TYR A 45 14.83 10.51 15.94
N VAL A 46 13.53 10.88 15.92
CA VAL A 46 12.74 10.99 14.68
C VAL A 46 13.55 10.93 13.39
N LEU A 47 14.62 11.69 13.30
CA LEU A 47 15.43 11.71 12.08
C LEU A 47 15.82 10.28 11.64
N LEU A 48 16.36 9.50 12.58
CA LEU A 48 16.82 8.14 12.29
C LEU A 48 15.70 7.18 11.82
N PRO A 49 14.62 6.99 12.54
CA PRO A 49 13.53 6.08 12.09
C PRO A 49 12.91 6.52 10.76
N ALA A 50 12.99 7.82 10.46
CA ALA A 50 12.48 8.35 9.19
C ALA A 50 13.37 7.90 8.03
N LEU A 51 14.64 7.69 8.30
CA LEU A 51 15.54 7.22 7.25
C LEU A 51 15.11 5.83 6.81
N ALA A 52 14.68 5.04 7.79
CA ALA A 52 14.20 3.69 7.52
C ALA A 52 12.97 3.74 6.60
N ILE A 53 12.04 4.66 6.88
CA ILE A 53 10.85 4.80 6.05
C ILE A 53 11.24 5.23 4.63
N PHE A 54 12.02 6.30 4.49
CA PHE A 54 12.41 6.74 3.14
C PHE A 54 13.16 5.63 2.42
N ILE A 55 14.02 4.93 3.14
CA ILE A 55 14.76 3.82 2.55
C ILE A 55 13.78 2.72 2.17
N GLY A 56 12.82 2.51 3.07
CA GLY A 56 11.77 1.51 2.86
C GLY A 56 10.89 1.88 1.67
N LEU A 57 10.55 3.16 1.56
CA LEU A 57 9.71 3.61 0.45
C LEU A 57 10.44 3.38 -0.86
N THR A 58 11.68 3.83 -0.95
CA THR A 58 12.45 3.68 -2.17
C THR A 58 12.41 2.23 -2.62
N ILE A 59 12.48 1.32 -1.65
CA ILE A 59 12.41 -0.10 -1.94
C ILE A 59 11.03 -0.44 -2.50
N TYR A 60 9.99 0.10 -1.88
CA TYR A 60 8.62 -0.18 -2.30
C TYR A 60 8.46 0.03 -3.81
N ALA A 61 9.16 1.00 -4.39
CA ALA A 61 9.09 1.18 -5.83
C ALA A 61 9.64 -0.08 -6.49
N ILE A 62 10.83 -0.52 -6.13
CA ILE A 62 11.39 -1.71 -6.76
C ILE A 62 10.34 -2.83 -6.75
N GLN A 63 9.60 -2.93 -5.66
CA GLN A 63 8.54 -3.94 -5.56
C GLN A 63 7.39 -3.64 -6.54
N ARG A 64 7.00 -2.38 -6.61
CA ARG A 64 5.93 -1.91 -7.49
C ARG A 64 6.39 -1.75 -8.96
N LYS A 65 7.70 -1.59 -9.12
CA LYS A 65 8.33 -1.37 -10.43
C LYS A 65 8.33 -2.61 -11.32
N ARG A 66 8.41 -3.76 -10.66
CA ARG A 66 8.29 -5.00 -11.42
C ARG A 66 6.80 -5.17 -11.70
N GLN A 67 6.02 -5.24 -10.62
CA GLN A 67 4.58 -5.41 -10.69
C GLN A 67 3.90 -4.24 -11.41
N ALA A 68 4.66 -3.15 -11.57
CA ALA A 68 4.10 -1.93 -12.14
C ALA A 68 3.23 -2.30 -13.35
N ASP A 69 3.69 -3.30 -14.10
CA ASP A 69 2.92 -3.81 -15.21
C ASP A 69 1.58 -4.34 -14.70
N ALA A 70 1.62 -5.27 -13.76
CA ALA A 70 0.40 -5.85 -13.20
C ALA A 70 -0.45 -4.79 -12.49
N SER A 71 0.20 -3.89 -11.77
CA SER A 71 -0.51 -2.85 -11.05
C SER A 71 -1.43 -3.47 -10.00
N SER A 72 -0.82 -4.04 -8.95
CA SER A 72 -1.57 -4.69 -7.87
C SER A 72 -1.86 -6.14 -8.26
N THR A 73 -1.78 -7.04 -7.27
CA THR A 73 -2.02 -8.45 -7.53
C THR A 73 -3.42 -8.66 -8.14
N PRO A 74 -3.53 -9.07 -9.39
CA PRO A 74 -4.88 -9.31 -10.02
C PRO A 74 -5.70 -10.35 -9.24
N LYS A 75 -7.00 -10.12 -9.15
CA LYS A 75 -7.89 -11.04 -8.47
C LYS A 75 -8.12 -12.28 -9.32
N PHE A 76 -7.73 -12.18 -10.59
CA PHE A 76 -7.90 -13.28 -11.53
C PHE A 76 -7.01 -14.46 -11.14
N ASN A 77 -5.86 -14.17 -10.54
CA ASN A 77 -4.93 -15.22 -10.14
C ASN A 77 -5.60 -16.15 -9.14
N GLY A 78 -6.35 -15.58 -8.21
CA GLY A 78 -7.04 -16.37 -7.20
C GLY A 78 -6.06 -16.94 -6.17
N VAL A 79 -6.47 -18.01 -5.50
CA VAL A 79 -5.62 -18.64 -4.50
C VAL A 79 -5.24 -17.64 -3.42
N LYS A 80 -6.25 -17.01 -2.82
CA LYS A 80 -6.01 -16.03 -1.77
C LYS A 80 -5.32 -16.68 -0.58
N LYS A 81 -5.48 -17.99 -0.45
CA LYS A 81 -4.86 -18.72 0.65
C LYS A 81 -5.31 -18.14 1.98
N MET A 1 -25.97 -9.42 -21.26
CA MET A 1 -26.24 -8.96 -19.87
C MET A 1 -25.05 -9.29 -18.98
N LYS A 2 -24.19 -10.18 -19.46
CA LYS A 2 -23.01 -10.59 -18.70
C LYS A 2 -21.90 -11.04 -19.65
N ASP A 3 -21.73 -10.31 -20.75
CA ASP A 3 -20.70 -10.66 -21.73
C ASP A 3 -19.28 -10.43 -21.16
N PRO A 4 -18.30 -11.19 -21.61
CA PRO A 4 -16.89 -11.05 -21.12
C PRO A 4 -16.39 -9.59 -21.11
N LYS A 5 -17.11 -8.71 -21.78
CA LYS A 5 -16.71 -7.30 -21.83
C LYS A 5 -17.06 -6.55 -20.54
N THR A 6 -18.33 -6.67 -20.17
CA THR A 6 -18.88 -6.08 -18.94
C THR A 6 -18.56 -6.94 -17.71
N LEU A 7 -18.46 -8.22 -17.98
CA LEU A 7 -18.14 -9.21 -16.93
C LEU A 7 -16.73 -8.93 -16.38
N LEU A 8 -15.78 -8.74 -17.27
CA LEU A 8 -14.38 -8.42 -16.96
C LEU A 8 -14.20 -6.95 -16.54
N ARG A 9 -15.18 -6.16 -16.94
CA ARG A 9 -15.20 -4.72 -16.63
C ARG A 9 -15.38 -4.46 -15.13
N VAL A 10 -16.13 -5.34 -14.47
CA VAL A 10 -16.39 -5.21 -13.04
C VAL A 10 -15.14 -5.44 -12.19
N SER A 11 -14.27 -6.37 -12.54
CA SER A 11 -13.09 -6.59 -11.71
C SER A 11 -12.09 -5.43 -11.82
N ILE A 12 -11.69 -5.07 -13.02
CA ILE A 12 -10.66 -4.02 -13.18
C ILE A 12 -11.06 -2.68 -12.52
N ILE A 13 -12.27 -2.28 -12.85
CA ILE A 13 -12.83 -1.04 -12.31
C ILE A 13 -12.87 -1.09 -10.75
N GLY A 14 -13.16 -2.28 -10.22
CA GLY A 14 -13.14 -2.50 -8.75
C GLY A 14 -11.71 -2.83 -8.25
N THR A 15 -11.17 -3.80 -8.94
CA THR A 15 -9.83 -4.37 -8.67
C THR A 15 -8.72 -3.32 -8.70
N THR A 16 -8.90 -2.25 -9.46
CA THR A 16 -7.91 -1.18 -9.51
C THR A 16 -7.96 -0.31 -8.26
N LEU A 17 -9.15 -0.22 -7.66
CA LEU A 17 -9.39 0.60 -6.47
C LEU A 17 -8.76 0.08 -5.19
N VAL A 18 -8.46 -1.22 -5.06
CA VAL A 18 -7.89 -1.67 -3.81
C VAL A 18 -6.63 -0.85 -3.51
N ALA A 19 -5.76 -0.78 -4.50
CA ALA A 19 -4.50 -0.06 -4.41
C ALA A 19 -4.73 1.41 -4.06
N LEU A 20 -5.87 1.96 -4.48
CA LEU A 20 -6.18 3.35 -4.18
C LEU A 20 -6.46 3.53 -2.68
N SER A 21 -7.29 2.67 -2.09
CA SER A 21 -7.59 2.79 -0.66
C SER A 21 -6.44 2.26 0.20
N SER A 22 -5.62 1.41 -0.42
CA SER A 22 -4.48 0.80 0.29
C SER A 22 -3.23 1.70 0.29
N PHE A 23 -3.21 2.72 -0.56
CA PHE A 23 -2.04 3.63 -0.55
C PHE A 23 -2.16 4.70 0.55
N THR A 24 -3.33 5.32 0.77
CA THR A 24 -3.44 6.41 1.78
C THR A 24 -3.30 5.98 3.26
N PRO A 25 -3.82 4.84 3.62
CA PRO A 25 -3.84 4.33 5.04
C PRO A 25 -2.51 4.43 5.80
N VAL A 26 -1.38 4.48 5.11
CA VAL A 26 -0.11 4.59 5.81
C VAL A 26 -0.09 5.84 6.70
N LEU A 27 -0.59 6.95 6.18
CA LEU A 27 -0.57 8.24 6.88
C LEU A 27 -1.11 8.15 8.32
N VAL A 28 -2.01 7.20 8.58
CA VAL A 28 -2.60 7.04 9.90
C VAL A 28 -1.60 6.51 10.93
N ILE A 29 -0.63 5.74 10.44
CA ILE A 29 0.40 5.18 11.30
C ILE A 29 1.18 6.29 12.00
N LEU A 30 1.53 7.37 11.31
CA LEU A 30 2.27 8.45 11.95
C LEU A 30 1.57 8.90 13.24
N LEU A 31 0.29 9.23 13.19
CA LEU A 31 -0.38 9.68 14.40
C LEU A 31 -0.20 8.65 15.52
N GLY A 32 -0.29 7.39 15.12
CA GLY A 32 -0.11 6.28 16.05
C GLY A 32 1.32 6.30 16.60
N VAL A 33 2.27 6.54 15.71
CA VAL A 33 3.67 6.63 16.12
C VAL A 33 3.73 7.71 17.21
N VAL A 34 3.13 8.86 16.94
CA VAL A 34 3.12 9.95 17.92
C VAL A 34 2.48 9.40 19.20
N GLY A 35 1.45 8.61 19.01
CA GLY A 35 0.78 7.99 20.14
C GLY A 35 1.80 7.15 20.92
N LEU A 36 2.61 6.43 20.16
CA LEU A 36 3.67 5.59 20.73
C LEU A 36 4.80 6.47 21.31
N SER A 37 4.96 7.65 20.71
CA SER A 37 5.96 8.62 21.20
C SER A 37 5.59 8.97 22.65
N ALA A 38 4.31 9.09 22.90
CA ALA A 38 3.87 9.36 24.26
C ALA A 38 4.37 8.25 25.19
N LEU A 39 4.36 7.01 24.69
CA LEU A 39 4.83 5.89 25.50
C LEU A 39 6.39 5.82 25.54
N THR A 40 7.01 5.79 24.36
CA THR A 40 8.47 5.64 24.23
C THR A 40 9.21 6.91 23.78
N GLY A 41 8.44 7.87 23.33
CA GLY A 41 8.98 9.18 22.91
C GLY A 41 10.16 9.05 21.95
N TYR A 42 9.95 9.51 20.73
CA TYR A 42 10.96 9.43 19.67
C TYR A 42 11.10 10.81 18.97
N LEU A 43 10.70 11.87 19.66
CA LEU A 43 10.73 13.23 19.10
C LEU A 43 12.04 13.54 18.36
N ASP A 44 13.16 13.44 19.09
CA ASP A 44 14.47 13.73 18.50
C ASP A 44 14.80 12.71 17.41
N TYR A 45 14.46 11.45 17.64
CA TYR A 45 14.75 10.40 16.68
C TYR A 45 14.12 10.67 15.31
N VAL A 46 12.87 11.16 15.30
CA VAL A 46 12.11 11.42 14.04
C VAL A 46 12.95 11.35 12.77
N LEU A 47 14.08 12.03 12.74
CA LEU A 47 14.91 12.03 11.53
C LEU A 47 15.29 10.61 11.08
N LEU A 48 15.76 9.80 12.03
CA LEU A 48 16.18 8.42 11.72
C LEU A 48 15.03 7.57 11.11
N PRO A 49 13.89 7.41 11.76
CA PRO A 49 12.75 6.62 11.17
C PRO A 49 12.44 7.03 9.73
N ALA A 50 12.78 8.26 9.35
CA ALA A 50 12.57 8.74 7.99
C ALA A 50 13.44 7.98 7.01
N LEU A 51 14.61 7.54 7.45
CA LEU A 51 15.48 6.77 6.59
C LEU A 51 14.81 5.45 6.22
N ALA A 52 14.16 4.87 7.21
CA ALA A 52 13.44 3.61 7.02
C ALA A 52 12.35 3.83 5.98
N ILE A 53 11.62 4.93 6.08
CA ILE A 53 10.57 5.24 5.11
C ILE A 53 11.19 5.42 3.73
N PHE A 54 12.22 6.23 3.59
CA PHE A 54 12.84 6.44 2.28
C PHE A 54 13.38 5.12 1.75
N ILE A 55 13.97 4.32 2.62
CA ILE A 55 14.52 3.02 2.21
C ILE A 55 13.36 2.10 1.83
N GLY A 56 12.32 2.15 2.65
CA GLY A 56 11.12 1.34 2.43
C GLY A 56 10.41 1.76 1.15
N LEU A 57 10.33 3.06 0.93
CA LEU A 57 9.68 3.59 -0.26
C LEU A 57 10.47 3.16 -1.50
N THR A 58 11.77 3.41 -1.47
CA THR A 58 12.63 3.07 -2.60
C THR A 58 12.44 1.62 -2.99
N ILE A 59 12.34 0.76 -1.98
CA ILE A 59 12.12 -0.66 -2.22
C ILE A 59 10.73 -0.84 -2.85
N TYR A 60 9.73 -0.15 -2.31
CA TYR A 60 8.37 -0.27 -2.81
C TYR A 60 8.27 0.03 -4.30
N ALA A 61 9.08 0.95 -4.80
CA ALA A 61 9.09 1.30 -6.21
C ALA A 61 9.73 0.17 -7.06
N ILE A 62 10.61 -0.61 -6.47
CA ILE A 62 11.24 -1.72 -7.21
C ILE A 62 10.29 -2.89 -7.47
N GLN A 63 9.50 -3.23 -6.46
CA GLN A 63 8.54 -4.34 -6.56
C GLN A 63 7.38 -4.03 -7.52
N ARG A 64 6.91 -2.79 -7.52
CA ARG A 64 5.82 -2.35 -8.39
C ARG A 64 6.29 -2.07 -9.82
N LYS A 65 7.60 -1.87 -9.97
CA LYS A 65 8.21 -1.55 -11.26
C LYS A 65 8.23 -2.76 -12.21
N ARG A 66 8.27 -3.94 -11.59
CA ARG A 66 8.16 -5.15 -12.39
C ARG A 66 6.67 -5.30 -12.72
N GLN A 67 5.87 -5.41 -11.66
CA GLN A 67 4.43 -5.57 -11.76
C GLN A 67 3.78 -4.38 -12.45
N ALA A 68 4.54 -3.30 -12.55
CA ALA A 68 4.02 -2.05 -13.12
C ALA A 68 3.19 -2.38 -14.36
N ASP A 69 3.69 -3.35 -15.14
CA ASP A 69 2.95 -3.82 -16.31
C ASP A 69 1.56 -4.26 -15.87
N ALA A 70 1.49 -5.21 -14.94
CA ALA A 70 0.21 -5.71 -14.45
C ALA A 70 -0.59 -4.59 -13.78
N SER A 71 0.10 -3.74 -13.04
CA SER A 71 -0.54 -2.63 -12.35
C SER A 71 -1.50 -3.15 -11.28
N SER A 72 -1.02 -4.09 -10.48
CA SER A 72 -1.84 -4.67 -9.42
C SER A 72 -3.07 -5.35 -10.01
N THR A 73 -3.41 -6.52 -9.48
CA THR A 73 -4.57 -7.26 -9.96
C THR A 73 -5.15 -8.16 -8.85
N PRO A 74 -4.41 -9.13 -8.37
CA PRO A 74 -4.89 -10.04 -7.30
C PRO A 74 -5.06 -9.29 -5.96
N LYS A 75 -6.04 -9.73 -5.18
CA LYS A 75 -6.29 -9.10 -3.88
C LYS A 75 -5.08 -9.24 -2.96
N PHE A 76 -4.49 -10.44 -2.93
CA PHE A 76 -3.33 -10.68 -2.09
C PHE A 76 -2.52 -11.86 -2.62
N ASN A 77 -3.14 -12.63 -3.52
CA ASN A 77 -2.47 -13.79 -4.10
C ASN A 77 -1.97 -14.73 -3.00
N GLY A 78 -2.81 -14.96 -1.99
CA GLY A 78 -2.46 -15.84 -0.88
C GLY A 78 -2.95 -17.25 -1.14
N VAL A 79 -2.11 -18.24 -0.86
CA VAL A 79 -2.47 -19.64 -1.07
C VAL A 79 -3.68 -20.00 -0.19
N LYS A 80 -3.63 -19.60 1.08
CA LYS A 80 -4.71 -19.89 2.00
C LYS A 80 -5.80 -18.82 1.91
N LYS A 81 -7.04 -19.21 2.13
CA LYS A 81 -8.16 -18.27 2.08
C LYS A 81 -8.11 -17.47 0.78
N MET A 1 -19.91 -15.90 -26.39
CA MET A 1 -21.05 -14.96 -26.22
C MET A 1 -21.26 -14.69 -24.73
N LYS A 2 -22.01 -13.63 -24.43
CA LYS A 2 -22.27 -13.26 -23.04
C LYS A 2 -20.97 -13.25 -22.26
N ASP A 3 -19.99 -12.50 -22.77
CA ASP A 3 -18.69 -12.41 -22.12
C ASP A 3 -18.78 -11.58 -20.83
N PRO A 4 -17.97 -11.85 -19.84
CA PRO A 4 -17.96 -11.07 -18.56
C PRO A 4 -17.27 -9.73 -18.73
N LYS A 5 -17.89 -8.83 -19.51
CA LYS A 5 -17.32 -7.52 -19.74
C LYS A 5 -17.56 -6.57 -18.56
N THR A 6 -18.83 -6.51 -18.16
CA THR A 6 -19.30 -5.72 -17.02
C THR A 6 -19.05 -6.47 -15.70
N LEU A 7 -19.10 -7.78 -15.82
CA LEU A 7 -18.85 -8.65 -14.68
C LEU A 7 -17.40 -8.46 -14.19
N LEU A 8 -16.50 -8.39 -15.16
CA LEU A 8 -15.05 -8.16 -14.96
C LEU A 8 -14.72 -6.69 -14.68
N ARG A 9 -15.63 -5.84 -15.14
CA ARG A 9 -15.50 -4.39 -14.97
C ARG A 9 -15.63 -3.96 -13.51
N VAL A 10 -16.43 -4.69 -12.75
CA VAL A 10 -16.64 -4.41 -11.34
C VAL A 10 -15.40 -4.66 -10.48
N SER A 11 -14.66 -5.74 -10.72
CA SER A 11 -13.47 -5.98 -9.91
C SER A 11 -12.44 -4.87 -10.11
N ILE A 12 -12.06 -4.58 -11.34
CA ILE A 12 -11.04 -3.55 -11.56
C ILE A 12 -11.42 -2.22 -10.90
N ILE A 13 -12.67 -1.88 -11.16
CA ILE A 13 -13.27 -0.66 -10.61
C ILE A 13 -13.22 -0.67 -9.05
N GLY A 14 -13.52 -1.81 -8.45
CA GLY A 14 -13.42 -1.95 -6.97
C GLY A 14 -11.96 -2.27 -6.56
N THR A 15 -11.46 -3.27 -7.24
CA THR A 15 -10.11 -3.83 -7.04
C THR A 15 -9.00 -2.79 -7.19
N THR A 16 -9.25 -1.75 -7.99
CA THR A 16 -8.25 -0.69 -8.18
C THR A 16 -8.22 0.27 -6.99
N LEU A 17 -9.37 0.46 -6.36
CA LEU A 17 -9.53 1.38 -5.24
C LEU A 17 -8.93 0.91 -3.92
N VAL A 18 -8.77 -0.39 -3.67
CA VAL A 18 -8.25 -0.79 -2.37
C VAL A 18 -6.85 -0.22 -2.18
N ALA A 19 -5.99 -0.53 -3.14
CA ALA A 19 -4.59 -0.12 -3.12
C ALA A 19 -4.44 1.40 -3.04
N LEU A 20 -5.38 2.11 -3.64
CA LEU A 20 -5.33 3.57 -3.58
C LEU A 20 -5.51 4.03 -2.13
N SER A 21 -6.45 3.43 -1.41
CA SER A 21 -6.68 3.78 -0.01
C SER A 21 -5.58 3.19 0.87
N SER A 22 -4.87 2.21 0.33
CA SER A 22 -3.80 1.53 1.09
C SER A 22 -2.53 2.38 1.18
N PHE A 23 -2.48 3.40 0.31
CA PHE A 23 -1.30 4.30 0.29
C PHE A 23 -1.37 5.43 1.34
N THR A 24 -2.53 6.09 1.56
CA THR A 24 -2.57 7.21 2.51
C THR A 24 -2.36 6.80 3.99
N PRO A 25 -2.90 5.68 4.40
CA PRO A 25 -2.83 5.19 5.81
C PRO A 25 -1.45 5.26 6.44
N VAL A 26 -0.39 5.28 5.67
CA VAL A 26 0.94 5.38 6.27
C VAL A 26 1.03 6.67 7.09
N LEU A 27 0.50 7.76 6.54
CA LEU A 27 0.56 9.07 7.18
C LEU A 27 0.10 9.05 8.64
N VAL A 28 -0.77 8.12 8.99
CA VAL A 28 -1.30 8.01 10.35
C VAL A 28 -0.21 7.51 11.32
N ILE A 29 0.70 6.71 10.79
CA ILE A 29 1.79 6.15 11.58
C ILE A 29 2.65 7.26 12.17
N LEU A 30 2.98 8.30 11.40
CA LEU A 30 3.83 9.36 11.93
C LEU A 30 3.21 9.95 13.19
N LEU A 31 1.94 10.35 13.16
CA LEU A 31 1.34 10.96 14.34
C LEU A 31 1.48 10.00 15.53
N GLY A 32 1.25 8.72 15.24
CA GLY A 32 1.37 7.67 16.25
C GLY A 32 2.81 7.59 16.74
N VAL A 33 3.74 7.64 15.81
CA VAL A 33 5.16 7.63 16.17
C VAL A 33 5.38 8.82 17.12
N VAL A 34 4.92 9.99 16.70
CA VAL A 34 5.07 11.19 17.52
C VAL A 34 4.38 10.96 18.87
N GLY A 35 3.21 10.37 18.76
CA GLY A 35 2.41 10.05 19.95
C GLY A 35 3.22 9.14 20.88
N LEU A 36 3.84 8.14 20.27
CA LEU A 36 4.67 7.19 21.00
C LEU A 36 5.97 7.85 21.46
N SER A 37 6.43 8.82 20.66
CA SER A 37 7.64 9.56 21.02
C SER A 37 7.39 10.26 22.35
N ALA A 38 6.18 10.70 22.56
CA ALA A 38 5.81 11.35 23.83
C ALA A 38 6.04 10.38 24.99
N LEU A 39 5.78 9.11 24.78
CA LEU A 39 5.99 8.12 25.84
C LEU A 39 7.50 7.81 26.03
N THR A 40 8.16 7.48 24.93
CA THR A 40 9.60 7.12 24.95
C THR A 40 10.51 8.31 24.59
N GLY A 41 9.89 9.47 24.41
CA GLY A 41 10.65 10.70 24.15
C GLY A 41 11.60 10.61 22.97
N TYR A 42 11.09 10.54 21.74
CA TYR A 42 11.94 10.48 20.55
C TYR A 42 11.84 11.80 19.79
N LEU A 43 11.41 12.85 20.47
CA LEU A 43 11.25 14.17 19.88
C LEU A 43 12.45 14.59 19.03
N ASP A 44 13.62 14.59 19.66
CA ASP A 44 14.86 14.95 18.98
C ASP A 44 15.19 13.90 17.91
N TYR A 45 14.95 12.64 18.23
CA TYR A 45 15.26 11.57 17.28
C TYR A 45 14.51 11.77 15.96
N VAL A 46 13.22 12.19 16.04
CA VAL A 46 12.36 12.37 14.85
C VAL A 46 13.11 12.32 13.52
N LEU A 47 14.20 13.06 13.40
CA LEU A 47 14.95 13.06 12.14
C LEU A 47 15.34 11.63 11.71
N LEU A 48 15.88 10.86 12.66
CA LEU A 48 16.32 9.49 12.38
C LEU A 48 15.16 8.57 11.92
N PRO A 49 14.11 8.37 12.68
CA PRO A 49 12.96 7.50 12.24
C PRO A 49 12.49 7.83 10.82
N ALA A 50 12.74 9.07 10.37
CA ALA A 50 12.39 9.49 9.03
C ALA A 50 13.21 8.74 7.98
N LEU A 51 14.43 8.36 8.34
CA LEU A 51 15.27 7.62 7.41
C LEU A 51 14.63 6.26 7.10
N ALA A 52 14.06 5.67 8.14
CA ALA A 52 13.39 4.39 7.99
C ALA A 52 12.24 4.52 7.01
N ILE A 53 11.48 5.61 7.12
CA ILE A 53 10.37 5.85 6.20
C ILE A 53 10.87 6.00 4.76
N PHE A 54 11.86 6.86 4.52
CA PHE A 54 12.36 7.03 3.16
C PHE A 54 12.89 5.70 2.61
N ILE A 55 13.57 4.95 3.46
CA ILE A 55 14.08 3.64 3.06
C ILE A 55 12.92 2.70 2.76
N GLY A 56 11.92 2.77 3.64
CA GLY A 56 10.72 1.94 3.51
C GLY A 56 9.94 2.30 2.24
N LEU A 57 9.81 3.60 1.98
CA LEU A 57 9.09 4.05 0.79
C LEU A 57 9.80 3.54 -0.46
N THR A 58 11.10 3.77 -0.53
CA THR A 58 11.88 3.38 -1.68
C THR A 58 11.67 1.91 -2.01
N ILE A 59 11.65 1.09 -0.97
CA ILE A 59 11.42 -0.35 -1.15
C ILE A 59 10.00 -0.58 -1.69
N TYR A 60 9.02 0.13 -1.13
CA TYR A 60 7.62 -0.04 -1.54
C TYR A 60 7.43 0.19 -3.04
N ALA A 61 8.10 1.17 -3.64
CA ALA A 61 7.93 1.39 -5.07
C ALA A 61 8.64 0.29 -5.87
N ILE A 62 9.93 0.07 -5.62
CA ILE A 62 10.69 -0.90 -6.41
C ILE A 62 9.99 -2.25 -6.51
N GLN A 63 9.47 -2.76 -5.40
CA GLN A 63 8.77 -4.04 -5.42
C GLN A 63 7.47 -3.91 -6.20
N ARG A 64 6.84 -2.74 -6.10
CA ARG A 64 5.60 -2.41 -6.80
C ARG A 64 5.85 -2.07 -8.28
N LYS A 65 7.09 -1.69 -8.56
CA LYS A 65 7.53 -1.26 -9.91
C LYS A 65 7.76 -2.40 -10.92
N ARG A 66 8.21 -3.52 -10.37
CA ARG A 66 8.46 -4.74 -11.15
C ARG A 66 7.19 -5.59 -11.36
N GLN A 67 6.39 -5.64 -10.30
CA GLN A 67 5.09 -6.32 -10.30
C GLN A 67 3.99 -5.38 -10.81
N ALA A 68 4.37 -4.10 -10.91
CA ALA A 68 3.40 -3.05 -11.26
C ALA A 68 2.49 -3.58 -12.39
N ASP A 69 3.08 -4.30 -13.33
CA ASP A 69 2.31 -4.95 -14.40
C ASP A 69 1.32 -5.92 -13.77
N ALA A 70 1.87 -6.79 -12.91
CA ALA A 70 1.05 -7.80 -12.23
C ALA A 70 0.00 -7.17 -11.34
N SER A 71 0.37 -6.10 -10.63
CA SER A 71 -0.54 -5.42 -9.73
C SER A 71 -0.68 -6.19 -8.42
N SER A 72 -1.19 -5.52 -7.39
CA SER A 72 -1.35 -6.14 -6.09
C SER A 72 -2.30 -7.34 -6.19
N THR A 73 -3.38 -7.18 -6.96
CA THR A 73 -4.38 -8.23 -7.13
C THR A 73 -4.58 -8.53 -8.61
N PRO A 74 -3.70 -9.31 -9.19
CA PRO A 74 -3.78 -9.68 -10.64
C PRO A 74 -5.14 -10.23 -11.03
N LYS A 75 -5.74 -11.04 -10.16
CA LYS A 75 -7.05 -11.61 -10.45
C LYS A 75 -7.04 -12.30 -11.81
N PHE A 76 -5.98 -13.06 -12.08
CA PHE A 76 -5.85 -13.78 -13.35
C PHE A 76 -5.56 -15.26 -13.10
N ASN A 77 -6.35 -16.13 -13.71
CA ASN A 77 -6.17 -17.57 -13.55
C ASN A 77 -6.38 -17.97 -12.10
N GLY A 78 -6.75 -19.23 -11.89
CA GLY A 78 -6.99 -19.74 -10.54
C GLY A 78 -7.46 -21.19 -10.58
N VAL A 79 -7.82 -21.72 -9.42
CA VAL A 79 -8.29 -23.10 -9.31
C VAL A 79 -9.47 -23.20 -8.34
N LYS A 80 -10.46 -24.00 -8.72
CA LYS A 80 -11.65 -24.17 -7.89
C LYS A 80 -11.32 -25.02 -6.66
N LYS A 81 -11.96 -24.71 -5.54
CA LYS A 81 -11.73 -25.46 -4.31
C LYS A 81 -12.87 -25.23 -3.33
N MET A 1 -25.05 -13.99 -22.62
CA MET A 1 -25.54 -13.89 -21.22
C MET A 1 -24.33 -13.78 -20.29
N LYS A 2 -23.17 -14.19 -20.78
CA LYS A 2 -21.95 -14.14 -19.99
C LYS A 2 -21.60 -12.69 -19.62
N ASP A 3 -21.80 -11.77 -20.55
CA ASP A 3 -21.51 -10.36 -20.29
C ASP A 3 -20.12 -10.21 -19.68
N PRO A 4 -19.12 -10.69 -20.36
CA PRO A 4 -17.69 -10.62 -19.86
C PRO A 4 -17.14 -9.20 -19.85
N LYS A 5 -17.83 -8.29 -20.54
CA LYS A 5 -17.40 -6.90 -20.61
C LYS A 5 -17.72 -6.11 -19.34
N THR A 6 -18.99 -6.20 -18.93
CA THR A 6 -19.50 -5.56 -17.71
C THR A 6 -19.18 -6.36 -16.45
N LEU A 7 -19.09 -7.66 -16.65
CA LEU A 7 -18.76 -8.59 -15.57
C LEU A 7 -17.35 -8.30 -15.04
N LEU A 8 -16.41 -8.13 -15.96
CA LEU A 8 -15.01 -7.80 -15.66
C LEU A 8 -14.81 -6.32 -15.31
N ARG A 9 -15.79 -5.52 -15.73
CA ARG A 9 -15.79 -4.07 -15.50
C ARG A 9 -15.97 -3.68 -14.04
N VAL A 10 -16.79 -4.43 -13.31
CA VAL A 10 -17.05 -4.13 -11.91
C VAL A 10 -15.88 -4.46 -10.99
N SER A 11 -15.08 -5.48 -11.27
CA SER A 11 -13.96 -5.77 -10.37
C SER A 11 -12.83 -4.76 -10.54
N ILE A 12 -12.34 -4.57 -11.75
CA ILE A 12 -11.19 -3.66 -11.96
C ILE A 12 -11.46 -2.24 -11.40
N ILE A 13 -12.61 -1.76 -11.76
CA ILE A 13 -13.07 -0.42 -11.33
C ILE A 13 -13.17 -0.34 -9.79
N GLY A 14 -13.63 -1.43 -9.17
CA GLY A 14 -13.69 -1.53 -7.69
C GLY A 14 -12.32 -1.97 -7.13
N THR A 15 -11.88 -3.07 -7.71
CA THR A 15 -10.62 -3.76 -7.35
C THR A 15 -9.40 -2.84 -7.46
N THR A 16 -9.47 -1.84 -8.32
CA THR A 16 -8.36 -0.90 -8.47
C THR A 16 -8.31 0.13 -7.34
N LEU A 17 -9.48 0.48 -6.84
CA LEU A 17 -9.64 1.49 -5.79
C LEU A 17 -9.22 1.05 -4.39
N VAL A 18 -9.25 -0.23 -4.05
CA VAL A 18 -8.89 -0.59 -2.69
C VAL A 18 -7.46 -0.14 -2.42
N ALA A 19 -6.57 -0.53 -3.31
CA ALA A 19 -5.15 -0.22 -3.20
C ALA A 19 -4.87 1.28 -3.17
N LEU A 20 -5.70 2.05 -3.85
CA LEU A 20 -5.52 3.51 -3.85
C LEU A 20 -5.79 4.07 -2.45
N SER A 21 -6.86 3.60 -1.81
CA SER A 21 -7.20 4.06 -0.48
C SER A 21 -6.29 3.43 0.57
N SER A 22 -5.73 2.28 0.22
CA SER A 22 -4.86 1.53 1.13
C SER A 22 -3.52 2.28 1.32
N PHE A 23 -3.30 3.25 0.45
CA PHE A 23 -2.07 4.07 0.53
C PHE A 23 -2.16 5.18 1.60
N THR A 24 -3.30 5.88 1.77
CA THR A 24 -3.36 6.98 2.76
C THR A 24 -3.19 6.54 4.25
N PRO A 25 -3.75 5.43 4.65
CA PRO A 25 -3.69 4.93 6.07
C PRO A 25 -2.32 5.03 6.73
N VAL A 26 -1.24 5.10 5.98
CA VAL A 26 0.08 5.21 6.62
C VAL A 26 0.15 6.49 7.46
N LEU A 27 -0.34 7.60 6.91
CA LEU A 27 -0.28 8.90 7.59
C LEU A 27 -0.78 8.85 9.04
N VAL A 28 -1.65 7.89 9.34
CA VAL A 28 -2.21 7.75 10.70
C VAL A 28 -1.15 7.27 11.69
N ILE A 29 -0.18 6.51 11.20
CA ILE A 29 0.90 6.00 12.05
C ILE A 29 1.64 7.16 12.73
N LEU A 30 1.77 8.30 12.08
CA LEU A 30 2.46 9.44 12.69
C LEU A 30 1.80 9.81 14.03
N LEU A 31 0.49 10.03 14.05
CA LEU A 31 -0.15 10.44 15.29
C LEU A 31 0.12 9.42 16.40
N GLY A 32 0.05 8.16 15.99
CA GLY A 32 0.31 7.05 16.92
C GLY A 32 1.75 7.12 17.43
N VAL A 33 2.66 7.40 16.51
CA VAL A 33 4.06 7.55 16.90
C VAL A 33 4.11 8.66 17.96
N VAL A 34 3.48 9.79 17.65
CA VAL A 34 3.47 10.92 18.59
C VAL A 34 2.83 10.47 19.91
N GLY A 35 1.75 9.72 19.75
CA GLY A 35 1.03 9.19 20.90
C GLY A 35 1.99 8.31 21.71
N LEU A 36 2.73 7.48 20.99
CA LEU A 36 3.71 6.59 21.59
C LEU A 36 4.90 7.38 22.14
N SER A 37 5.22 8.48 21.45
CA SER A 37 6.29 9.37 21.90
C SER A 37 5.93 9.92 23.29
N ALA A 38 4.67 10.25 23.45
CA ALA A 38 4.22 10.73 24.75
C ALA A 38 4.53 9.67 25.80
N LEU A 39 4.37 8.41 25.43
CA LEU A 39 4.66 7.34 26.38
C LEU A 39 6.17 7.06 26.48
N THR A 40 6.82 6.82 25.33
CA THR A 40 8.24 6.45 25.26
C THR A 40 9.17 7.55 24.71
N GLY A 41 8.54 8.54 24.07
CA GLY A 41 9.26 9.71 23.55
C GLY A 41 10.38 9.36 22.58
N TYR A 42 10.05 9.39 21.29
CA TYR A 42 11.01 9.11 20.22
C TYR A 42 11.15 10.39 19.37
N LEU A 43 10.79 11.52 19.98
CA LEU A 43 10.82 12.82 19.31
C LEU A 43 12.11 13.08 18.56
N ASP A 44 13.22 13.01 19.28
CA ASP A 44 14.53 13.25 18.68
C ASP A 44 14.84 12.18 17.63
N TYR A 45 14.49 10.94 17.91
CA TYR A 45 14.76 9.87 16.96
C TYR A 45 14.11 10.20 15.61
N VAL A 46 12.88 10.72 15.64
CA VAL A 46 12.04 11.07 14.46
C VAL A 46 12.77 11.26 13.10
N LEU A 47 14.08 11.42 13.11
CA LEU A 47 14.82 11.56 11.85
C LEU A 47 15.23 10.18 11.31
N LEU A 48 15.77 9.37 12.21
CA LEU A 48 16.21 8.00 11.90
C LEU A 48 15.07 7.08 11.38
N PRO A 49 13.90 7.05 11.99
CA PRO A 49 12.80 6.15 11.53
C PRO A 49 12.24 6.58 10.16
N ALA A 50 12.38 7.86 9.84
CA ALA A 50 11.92 8.39 8.56
C ALA A 50 12.84 7.93 7.43
N LEU A 51 14.11 7.71 7.74
CA LEU A 51 15.05 7.25 6.72
C LEU A 51 14.62 5.86 6.27
N ALA A 52 14.17 5.07 7.23
CA ALA A 52 13.69 3.72 6.96
C ALA A 52 12.51 3.80 5.98
N ILE A 53 11.63 4.77 6.20
CA ILE A 53 10.48 4.94 5.32
C ILE A 53 10.94 5.28 3.90
N PHE A 54 11.82 6.27 3.73
CA PHE A 54 12.28 6.61 2.38
C PHE A 54 12.95 5.41 1.73
N ILE A 55 13.70 4.66 2.52
CA ILE A 55 14.35 3.45 2.02
C ILE A 55 13.28 2.43 1.63
N GLY A 56 12.26 2.36 2.48
CA GLY A 56 11.13 1.46 2.26
C GLY A 56 10.37 1.83 0.99
N LEU A 57 10.16 3.14 0.79
CA LEU A 57 9.44 3.59 -0.39
C LEU A 57 10.20 3.19 -1.65
N THR A 58 11.49 3.48 -1.68
CA THR A 58 12.28 3.17 -2.86
C THR A 58 12.08 1.71 -3.25
N ILE A 59 11.98 0.85 -2.24
CA ILE A 59 11.74 -0.58 -2.48
C ILE A 59 10.38 -0.79 -3.15
N TYR A 60 9.35 -0.11 -2.65
CA TYR A 60 8.00 -0.26 -3.22
C TYR A 60 8.03 -0.16 -4.75
N ALA A 61 8.91 0.65 -5.32
CA ALA A 61 9.00 0.79 -6.77
C ALA A 61 9.59 -0.45 -7.46
N ILE A 62 10.41 -1.24 -6.76
CA ILE A 62 10.97 -2.45 -7.36
C ILE A 62 9.94 -3.58 -7.50
N GLN A 63 9.15 -3.75 -6.46
CA GLN A 63 8.13 -4.81 -6.46
C GLN A 63 7.05 -4.53 -7.52
N ARG A 64 6.64 -3.29 -7.68
CA ARG A 64 5.64 -3.01 -8.72
C ARG A 64 6.29 -3.27 -10.08
N LYS A 65 7.41 -2.64 -10.34
CA LYS A 65 8.08 -2.78 -11.64
C LYS A 65 8.30 -4.25 -12.06
N ARG A 66 8.39 -5.18 -11.12
CA ARG A 66 8.52 -6.61 -11.50
C ARG A 66 7.15 -7.28 -11.80
N GLN A 67 6.23 -7.14 -10.86
CA GLN A 67 4.84 -7.64 -10.95
C GLN A 67 3.89 -6.66 -11.65
N ALA A 68 4.39 -5.46 -11.84
CA ALA A 68 3.58 -4.35 -12.40
C ALA A 68 2.71 -4.88 -13.54
N ASP A 69 3.30 -5.71 -14.39
CA ASP A 69 2.54 -6.34 -15.46
C ASP A 69 1.43 -7.18 -14.84
N ALA A 70 1.80 -8.00 -13.88
CA ALA A 70 0.85 -8.88 -13.19
C ALA A 70 -0.21 -8.05 -12.46
N SER A 71 0.22 -6.93 -11.88
CA SER A 71 -0.68 -6.05 -11.14
C SER A 71 -1.82 -5.57 -12.03
N SER A 72 -1.66 -5.70 -13.34
CA SER A 72 -2.68 -5.25 -14.27
C SER A 72 -4.01 -5.96 -14.02
N THR A 73 -3.95 -7.26 -13.74
CA THR A 73 -5.16 -8.03 -13.47
C THR A 73 -4.83 -9.50 -13.14
N PRO A 74 -4.13 -10.19 -14.00
CA PRO A 74 -3.78 -11.62 -13.76
C PRO A 74 -2.71 -11.79 -12.68
N LYS A 75 -2.75 -12.93 -12.00
CA LYS A 75 -1.77 -13.21 -10.94
C LYS A 75 -1.60 -12.00 -10.02
N PHE A 76 -2.40 -11.94 -8.96
CA PHE A 76 -2.31 -10.84 -8.00
C PHE A 76 -2.44 -11.37 -6.58
N ASN A 77 -1.47 -11.01 -5.73
CA ASN A 77 -1.49 -11.45 -4.34
C ASN A 77 -1.59 -12.96 -4.26
N GLY A 78 -0.82 -13.64 -5.11
CA GLY A 78 -0.83 -15.10 -5.14
C GLY A 78 -2.23 -15.64 -5.41
N VAL A 79 -2.66 -16.60 -4.60
CA VAL A 79 -3.99 -17.20 -4.75
C VAL A 79 -4.56 -17.57 -3.39
N LYS A 80 -5.87 -17.37 -3.24
CA LYS A 80 -6.53 -17.70 -1.98
C LYS A 80 -5.78 -17.07 -0.80
N LYS A 81 -5.62 -17.85 0.27
CA LYS A 81 -4.92 -17.36 1.46
C LYS A 81 -5.58 -16.09 1.97
N MET A 1 -20.36 -18.20 -26.97
CA MET A 1 -20.33 -16.95 -26.17
C MET A 1 -18.93 -16.34 -26.22
N LYS A 2 -18.12 -16.66 -25.22
CA LYS A 2 -16.76 -16.15 -25.17
C LYS A 2 -16.74 -14.63 -25.28
N ASP A 3 -17.67 -13.97 -24.60
CA ASP A 3 -17.75 -12.51 -24.63
C ASP A 3 -17.88 -11.93 -23.21
N PRO A 4 -16.93 -12.20 -22.37
CA PRO A 4 -16.93 -11.70 -20.96
C PRO A 4 -16.53 -10.22 -20.91
N LYS A 5 -17.36 -9.36 -21.47
CA LYS A 5 -17.09 -7.93 -21.47
C LYS A 5 -17.41 -7.28 -20.13
N THR A 6 -18.62 -7.57 -19.67
CA THR A 6 -19.12 -7.10 -18.36
C THR A 6 -18.60 -7.99 -17.22
N LEU A 7 -18.38 -9.24 -17.58
CA LEU A 7 -17.84 -10.21 -16.62
C LEU A 7 -16.43 -9.79 -16.19
N LEU A 8 -15.64 -9.35 -17.17
CA LEU A 8 -14.28 -8.85 -17.00
C LEU A 8 -14.22 -7.41 -16.47
N ARG A 9 -15.32 -6.71 -16.73
CA ARG A 9 -15.48 -5.30 -16.33
C ARG A 9 -15.55 -5.08 -14.81
N VAL A 10 -16.15 -6.02 -14.10
CA VAL A 10 -16.30 -5.89 -12.65
C VAL A 10 -14.97 -6.08 -11.90
N SER A 11 -14.05 -6.91 -12.37
CA SER A 11 -12.78 -7.06 -11.64
C SER A 11 -11.95 -5.78 -11.71
N ILE A 12 -11.68 -5.27 -12.90
CA ILE A 12 -10.84 -4.06 -12.99
C ILE A 12 -11.41 -2.93 -12.10
N ILE A 13 -12.70 -2.78 -12.22
CA ILE A 13 -13.44 -1.79 -11.42
C ILE A 13 -13.28 -2.04 -9.88
N GLY A 14 -13.34 -3.29 -9.48
CA GLY A 14 -13.10 -3.65 -8.05
C GLY A 14 -11.58 -3.77 -7.77
N THR A 15 -10.99 -4.57 -8.63
CA THR A 15 -9.56 -4.93 -8.59
C THR A 15 -8.63 -3.71 -8.62
N THR A 16 -9.05 -2.61 -9.24
CA THR A 16 -8.23 -1.41 -9.28
C THR A 16 -8.29 -0.62 -7.97
N LEU A 17 -9.42 -0.73 -7.28
CA LEU A 17 -9.68 -0.01 -6.04
C LEU A 17 -8.95 -0.53 -4.81
N VAL A 18 -8.60 -1.82 -4.73
CA VAL A 18 -7.95 -2.27 -3.51
C VAL A 18 -6.63 -1.51 -3.30
N ALA A 19 -5.83 -1.53 -4.35
CA ALA A 19 -4.50 -0.89 -4.35
C ALA A 19 -4.56 0.60 -4.07
N LEU A 20 -5.65 1.25 -4.50
CA LEU A 20 -5.78 2.69 -4.27
C LEU A 20 -5.96 2.96 -2.77
N SER A 21 -6.80 2.17 -2.11
CA SER A 21 -7.00 2.35 -0.66
C SER A 21 -5.80 1.80 0.10
N SER A 22 -5.02 1.00 -0.59
CA SER A 22 -3.85 0.34 0.01
C SER A 22 -2.64 1.30 0.14
N PHE A 23 -2.70 2.38 -0.63
CA PHE A 23 -1.59 3.37 -0.60
C PHE A 23 -1.72 4.40 0.55
N THR A 24 -2.92 4.94 0.85
CA THR A 24 -3.02 5.96 1.92
C THR A 24 -2.77 5.45 3.35
N PRO A 25 -3.21 4.26 3.66
CA PRO A 25 -3.12 3.67 5.03
C PRO A 25 -1.74 3.80 5.70
N VAL A 26 -0.69 3.96 4.94
CA VAL A 26 0.63 4.11 5.55
C VAL A 26 0.62 5.31 6.50
N LEU A 27 -0.06 6.39 6.11
CA LEU A 27 -0.09 7.61 6.92
C LEU A 27 -0.46 7.36 8.38
N VAL A 28 -1.19 6.29 8.64
CA VAL A 28 -1.63 5.94 9.99
C VAL A 28 -0.45 5.48 10.85
N ILE A 29 0.54 4.89 10.20
CA ILE A 29 1.73 4.39 10.88
C ILE A 29 2.48 5.52 11.59
N LEU A 30 2.60 6.69 10.97
CA LEU A 30 3.32 7.78 11.62
C LEU A 30 2.69 8.12 12.98
N LEU A 31 1.39 8.33 13.05
CA LEU A 31 0.79 8.68 14.33
C LEU A 31 1.11 7.62 15.38
N GLY A 32 1.06 6.37 14.94
CA GLY A 32 1.38 5.23 15.81
C GLY A 32 2.83 5.30 16.26
N VAL A 33 3.70 5.62 15.29
CA VAL A 33 5.12 5.78 15.61
C VAL A 33 5.21 6.83 16.72
N VAL A 34 4.56 7.97 16.49
CA VAL A 34 4.58 9.05 17.47
C VAL A 34 4.01 8.54 18.79
N GLY A 35 2.93 7.78 18.66
CA GLY A 35 2.26 7.19 19.82
C GLY A 35 3.25 6.30 20.59
N LEU A 36 3.97 5.48 19.82
CA LEU A 36 4.97 4.57 20.38
C LEU A 36 6.19 5.36 20.88
N SER A 37 6.44 6.48 20.20
CA SER A 37 7.55 7.35 20.58
C SER A 37 7.30 7.87 21.99
N ALA A 38 6.06 8.22 22.27
CA ALA A 38 5.69 8.72 23.60
C ALA A 38 6.01 7.67 24.68
N LEU A 39 5.81 6.40 24.36
CA LEU A 39 6.11 5.34 25.34
C LEU A 39 7.64 5.12 25.48
N THR A 40 8.30 4.94 24.34
CA THR A 40 9.76 4.68 24.31
C THR A 40 10.57 5.96 24.06
N GLY A 41 9.87 7.07 24.02
CA GLY A 41 10.53 8.38 23.90
C GLY A 41 11.49 8.49 22.71
N TYR A 42 10.96 8.56 21.50
CA TYR A 42 11.78 8.68 20.29
C TYR A 42 11.53 10.05 19.66
N LEU A 43 11.02 10.98 20.46
CA LEU A 43 10.69 12.34 20.00
C LEU A 43 11.80 12.97 19.17
N ASP A 44 12.99 13.03 19.75
CA ASP A 44 14.15 13.60 19.07
C ASP A 44 14.56 12.73 17.89
N TYR A 45 14.49 11.42 18.08
CA TYR A 45 14.88 10.48 17.04
C TYR A 45 14.07 10.68 15.76
N VAL A 46 12.75 10.91 15.89
CA VAL A 46 11.84 11.09 14.74
C VAL A 46 12.53 11.28 13.39
N LEU A 47 13.53 12.14 13.32
CA LEU A 47 14.19 12.38 12.05
C LEU A 47 14.73 11.07 11.45
N LEU A 48 15.39 10.27 12.30
CA LEU A 48 15.97 9.00 11.86
C LEU A 48 14.90 8.00 11.36
N PRO A 49 13.94 7.59 12.16
CA PRO A 49 12.88 6.65 11.68
C PRO A 49 12.24 7.11 10.37
N ALA A 50 12.28 8.42 10.12
CA ALA A 50 11.74 8.99 8.89
C ALA A 50 12.62 8.63 7.69
N LEU A 51 13.92 8.45 7.91
CA LEU A 51 14.80 8.08 6.82
C LEU A 51 14.43 6.69 6.31
N ALA A 52 14.10 5.82 7.26
CA ALA A 52 13.70 4.46 6.93
C ALA A 52 12.45 4.50 6.06
N ILE A 53 11.49 5.35 6.43
CA ILE A 53 10.26 5.48 5.64
C ILE A 53 10.59 6.00 4.24
N PHE A 54 11.34 7.09 4.12
CA PHE A 54 11.66 7.61 2.80
C PHE A 54 12.42 6.57 1.98
N ILE A 55 13.35 5.87 2.62
CA ILE A 55 14.11 4.82 1.95
C ILE A 55 13.18 3.69 1.54
N GLY A 56 12.30 3.33 2.48
CA GLY A 56 11.31 2.28 2.27
C GLY A 56 10.35 2.65 1.16
N LEU A 57 9.89 3.89 1.17
CA LEU A 57 8.96 4.37 0.16
C LEU A 57 9.63 4.30 -1.21
N THR A 58 10.82 4.87 -1.30
CA THR A 58 11.55 4.91 -2.56
C THR A 58 11.68 3.53 -3.16
N ILE A 59 11.97 2.55 -2.31
CA ILE A 59 12.08 1.17 -2.76
C ILE A 59 10.73 0.67 -3.27
N TYR A 60 9.66 0.98 -2.53
CA TYR A 60 8.32 0.53 -2.88
C TYR A 60 7.88 0.97 -4.28
N ALA A 61 8.24 2.18 -4.72
CA ALA A 61 7.84 2.61 -6.06
C ALA A 61 8.67 1.91 -7.15
N ILE A 62 9.99 2.01 -7.10
CA ILE A 62 10.80 1.42 -8.19
C ILE A 62 10.40 -0.04 -8.48
N GLN A 63 10.09 -0.80 -7.44
CA GLN A 63 9.67 -2.19 -7.63
C GLN A 63 8.30 -2.23 -8.28
N ARG A 64 7.44 -1.30 -7.90
CA ARG A 64 6.09 -1.17 -8.45
C ARG A 64 6.10 -0.50 -9.82
N LYS A 65 7.20 0.21 -10.08
CA LYS A 65 7.40 0.96 -11.32
C LYS A 65 7.64 0.07 -12.54
N ARG A 66 8.26 -1.08 -12.30
CA ARG A 66 8.42 -2.05 -13.39
C ARG A 66 7.07 -2.75 -13.56
N GLN A 67 6.64 -3.43 -12.49
CA GLN A 67 5.38 -4.17 -12.50
C GLN A 67 4.20 -3.23 -12.77
N ALA A 68 4.49 -1.93 -12.67
CA ALA A 68 3.44 -0.91 -12.82
C ALA A 68 2.52 -1.29 -13.98
N ASP A 69 3.11 -1.95 -14.98
CA ASP A 69 2.33 -2.44 -16.11
C ASP A 69 1.19 -3.30 -15.56
N ALA A 70 1.53 -4.33 -14.78
CA ALA A 70 0.53 -5.21 -14.21
C ALA A 70 -0.43 -4.42 -13.33
N SER A 71 0.10 -3.47 -12.56
CA SER A 71 -0.72 -2.66 -11.68
C SER A 71 -1.37 -3.51 -10.60
N SER A 72 -0.90 -4.75 -10.47
CA SER A 72 -1.45 -5.67 -9.46
C SER A 72 -0.40 -6.71 -9.07
N THR A 73 -0.62 -7.36 -7.93
CA THR A 73 0.30 -8.38 -7.44
C THR A 73 -0.41 -9.35 -6.49
N PRO A 74 -0.91 -8.86 -5.37
CA PRO A 74 -1.63 -9.73 -4.39
C PRO A 74 -2.99 -10.21 -4.92
N LYS A 75 -3.41 -11.39 -4.49
CA LYS A 75 -4.67 -11.96 -4.93
C LYS A 75 -5.26 -12.85 -3.83
N PHE A 76 -6.57 -12.73 -3.60
CA PHE A 76 -7.24 -13.53 -2.58
C PHE A 76 -8.45 -14.24 -3.16
N ASN A 77 -8.71 -15.45 -2.67
CA ASN A 77 -9.85 -16.23 -3.15
C ASN A 77 -11.16 -15.50 -2.89
N GLY A 78 -11.26 -14.88 -1.71
CA GLY A 78 -12.47 -14.13 -1.34
C GLY A 78 -12.10 -12.90 -0.52
N VAL A 79 -13.05 -11.97 -0.43
CA VAL A 79 -12.82 -10.74 0.33
C VAL A 79 -12.55 -11.06 1.80
N LYS A 80 -13.21 -12.10 2.31
CA LYS A 80 -13.03 -12.49 3.70
C LYS A 80 -11.59 -12.95 3.95
N LYS A 81 -10.99 -12.42 5.00
CA LYS A 81 -9.61 -12.80 5.33
C LYS A 81 -9.52 -14.26 5.72
#